data_5SND
#
_entry.id   5SND
#
_cell.length_a   137.441
_cell.length_b   65.083
_cell.length_c   84.385
_cell.angle_alpha   90.000
_cell.angle_beta   93.530
_cell.angle_gamma   90.000
#
_symmetry.space_group_name_H-M   'C 1 2 1'
#
loop_
_entity.id
_entity.type
_entity.pdbx_description
1 polymer '3-oxoacyl-[acyl-carrier-protein] synthase 2'
2 non-polymer (3S)-3-(3-fluorophenoxy)-1-methylpyrrolidin-2-one
3 non-polymer 'DIMETHYL SULFOXIDE'
4 non-polymer 'PHOSPHATE ION'
5 water water
#
_entity_poly.entity_id   1
_entity_poly.type   'polypeptide(L)'
_entity_poly.pdbx_seq_one_letter_code
;MSRRRVVITGMGMLSPLGLDVPSSWEGILAGRSGIAPIEHMDLSAYSTRFGGSVKGFNVEEYLSAKEARKLDLFIQYGLA
ASFQAVRDSGLEVTDANRERIGVSMGSGIGGLTNIENNCRSLFEQGPRRISPFFVPGSIINMVSGFLSIHLGLQGPNYAL
TTAQTTGTHSIGMAARNIAYGEADVMVAGGSEMAACGLGLGGFGAARALSTRNDEPTRASRPWDRDRDGFVLSDGSGALV
LEELEHARARGARIYAELVGFGMSGDAFHMTAPPEDGAGAARCMKNALRDAGLDPRQVDYINAHGTSTPAGDIAEIAAVK
SVFGEHAHALSMSSTKSMTGHLLGAAGAVEAIFSVLALRDQVAPPTINLDNPDEGCDLDLVAHEAKPRKIDVALSNSFGF
GGTNGTLVFRRFAD
;
_entity_poly.pdbx_strand_id   A,B
#
loop_
_chem_comp.id
_chem_comp.type
_chem_comp.name
_chem_comp.formula
DMS non-polymer 'DIMETHYL SULFOXIDE' 'C2 H6 O S'
PO4 non-polymer 'PHOSPHATE ION' 'O4 P -3'
Q49 non-polymer (3S)-3-(3-fluorophenoxy)-1-methylpyrrolidin-2-one 'C11 H12 F N O2'
#
# COMPACT_ATOMS: atom_id res chain seq x y z
N SER A 2 0.64 22.20 -14.30
CA SER A 2 -0.41 21.63 -15.23
C SER A 2 -0.03 20.21 -15.66
N ARG A 3 -1.02 19.36 -16.01
CA ARG A 3 -0.87 17.89 -16.13
C ARG A 3 0.07 17.51 -17.29
N ARG A 4 1.16 16.82 -16.98
CA ARG A 4 2.18 16.40 -17.98
C ARG A 4 1.84 15.01 -18.51
N ARG A 5 2.35 14.70 -19.68
CA ARG A 5 2.14 13.39 -20.35
C ARG A 5 3.17 12.38 -19.82
N VAL A 6 2.84 11.10 -19.91
CA VAL A 6 3.62 10.02 -19.24
C VAL A 6 3.81 8.88 -20.23
N VAL A 7 5.06 8.47 -20.41
CA VAL A 7 5.39 7.38 -21.36
C VAL A 7 6.11 6.25 -20.61
N ILE A 8 6.12 5.09 -21.25
CA ILE A 8 6.81 3.87 -20.75
C ILE A 8 8.15 3.76 -21.48
N THR A 9 9.26 3.79 -20.75
CA THR A 9 10.63 3.77 -21.35
C THR A 9 11.40 2.52 -20.94
N GLY A 10 10.84 1.66 -20.08
CA GLY A 10 11.58 0.50 -19.54
C GLY A 10 10.58 -0.50 -18.97
N MET A 11 10.83 -1.80 -19.13
CA MET A 11 9.95 -2.84 -18.57
C MET A 11 10.83 -4.00 -18.11
N GLY A 12 10.38 -4.65 -17.05
CA GLY A 12 11.04 -5.84 -16.51
C GLY A 12 10.04 -6.78 -15.90
N MET A 13 10.37 -8.06 -15.83
CA MET A 13 9.40 -9.10 -15.46
C MET A 13 10.08 -10.38 -14.98
N LEU A 14 9.51 -11.01 -13.94
CA LEU A 14 9.62 -12.47 -13.69
C LEU A 14 8.20 -13.01 -13.80
N SER A 15 8.02 -14.08 -14.56
CA SER A 15 6.70 -14.72 -14.67
C SER A 15 6.89 -16.22 -14.73
N PRO A 16 5.78 -16.95 -14.63
CA PRO A 16 5.79 -18.40 -14.86
C PRO A 16 6.21 -18.77 -16.29
N LEU A 17 6.28 -17.80 -17.23
CA LEU A 17 6.68 -18.09 -18.63
C LEU A 17 8.13 -17.71 -18.89
N GLY A 18 8.76 -16.96 -17.99
CA GLY A 18 10.15 -16.55 -18.26
C GLY A 18 10.75 -15.67 -17.18
N LEU A 19 12.08 -15.53 -17.21
CA LEU A 19 12.88 -14.76 -16.23
C LEU A 19 13.14 -13.35 -16.75
N ASP A 20 12.48 -12.94 -17.85
CA ASP A 20 12.50 -11.53 -18.31
C ASP A 20 11.30 -11.27 -19.24
N VAL A 21 11.21 -10.07 -19.79
CA VAL A 21 10.05 -9.68 -20.63
C VAL A 21 10.04 -10.45 -21.94
N PRO A 22 11.13 -10.43 -22.74
CA PRO A 22 11.10 -11.06 -24.07
C PRO A 22 10.74 -12.55 -24.03
N SER A 23 11.31 -13.29 -23.07
CA SER A 23 11.10 -14.74 -22.89
C SER A 23 9.63 -14.96 -22.49
N SER A 24 9.11 -14.16 -21.56
CA SER A 24 7.70 -14.23 -21.11
C SER A 24 6.76 -13.99 -22.31
N TRP A 25 7.02 -12.91 -23.05
CA TRP A 25 6.22 -12.49 -24.22
C TRP A 25 6.22 -13.55 -25.34
N GLU A 26 7.36 -14.21 -25.58
N GLU A 26 7.36 -14.21 -25.58
CA GLU A 26 7.46 -15.34 -26.54
CA GLU A 26 7.44 -15.35 -26.54
C GLU A 26 6.47 -16.43 -26.12
C GLU A 26 6.44 -16.42 -26.12
N GLY A 27 6.43 -16.77 -24.82
CA GLY A 27 5.52 -17.79 -24.29
C GLY A 27 4.07 -17.35 -24.44
N ILE A 28 3.79 -16.08 -24.18
CA ILE A 28 2.44 -15.47 -24.36
C ILE A 28 2.00 -15.65 -25.82
N LEU A 29 2.82 -15.25 -26.77
CA LEU A 29 2.39 -15.26 -28.19
C LEU A 29 2.29 -16.72 -28.71
N ALA A 30 3.01 -17.65 -28.09
CA ALA A 30 3.02 -19.07 -28.53
C ALA A 30 1.91 -19.87 -27.81
N GLY A 31 1.14 -19.23 -26.94
CA GLY A 31 0.03 -19.93 -26.25
C GLY A 31 0.56 -20.95 -25.24
N ARG A 32 1.74 -20.74 -24.69
CA ARG A 32 2.38 -21.69 -23.76
C ARG A 32 1.79 -21.48 -22.35
N SER A 33 1.56 -22.56 -21.60
CA SER A 33 1.17 -22.50 -20.18
C SER A 33 2.43 -22.50 -19.29
N GLY A 34 2.44 -21.64 -18.27
CA GLY A 34 3.46 -21.63 -17.22
C GLY A 34 3.03 -22.41 -15.99
N ILE A 35 1.94 -23.18 -16.04
CA ILE A 35 1.35 -23.78 -14.81
C ILE A 35 1.81 -25.24 -14.70
N ALA A 36 2.18 -25.67 -13.51
CA ALA A 36 2.77 -26.99 -13.24
C ALA A 36 2.57 -27.35 -11.79
N PRO A 37 2.64 -28.66 -11.44
CA PRO A 37 2.62 -29.07 -10.04
C PRO A 37 3.73 -28.29 -9.35
N ILE A 38 3.46 -27.82 -8.14
CA ILE A 38 4.44 -27.12 -7.28
C ILE A 38 5.45 -28.16 -6.78
N GLU A 39 6.74 -27.82 -6.91
CA GLU A 39 7.88 -28.68 -6.50
C GLU A 39 8.48 -28.23 -5.17
N HIS A 40 8.26 -27.00 -4.72
CA HIS A 40 9.06 -26.40 -3.61
C HIS A 40 8.48 -26.78 -2.24
N MET A 41 7.40 -27.55 -2.18
CA MET A 41 6.79 -27.97 -0.89
C MET A 41 5.85 -29.16 -1.11
N ASP A 42 5.56 -29.88 -0.03
CA ASP A 42 4.68 -31.08 -0.04
C ASP A 42 3.22 -30.63 0.12
N LEU A 43 2.42 -30.71 -0.94
CA LEU A 43 1.02 -30.20 -0.93
C LEU A 43 0.02 -31.36 -0.89
N SER A 44 0.40 -32.54 -0.42
CA SER A 44 -0.52 -33.71 -0.45
C SER A 44 -1.77 -33.45 0.39
N ALA A 45 -1.71 -32.67 1.48
CA ALA A 45 -2.87 -32.36 2.36
C ALA A 45 -3.73 -31.21 1.77
N TYR A 46 -3.30 -30.58 0.67
CA TYR A 46 -3.97 -29.38 0.05
C TYR A 46 -4.88 -29.82 -1.09
N SER A 47 -5.98 -29.10 -1.31
CA SER A 47 -6.93 -29.39 -2.41
C SER A 47 -6.41 -28.83 -3.75
N THR A 48 -5.38 -27.96 -3.74
CA THR A 48 -4.74 -27.44 -4.97
C THR A 48 -3.23 -27.64 -4.81
N ARG A 49 -2.59 -28.26 -5.78
CA ARG A 49 -1.19 -28.72 -5.63
C ARG A 49 -0.32 -28.19 -6.77
N PHE A 50 -0.80 -27.21 -7.51
CA PHE A 50 -0.12 -26.65 -8.70
C PHE A 50 -0.31 -25.12 -8.71
N GLY A 51 0.43 -24.46 -9.57
CA GLY A 51 0.34 -23.02 -9.84
C GLY A 51 1.44 -22.57 -10.78
N GLY A 52 1.58 -21.25 -10.93
CA GLY A 52 2.64 -20.67 -11.79
C GLY A 52 3.83 -20.22 -10.99
N SER A 53 4.84 -21.07 -10.92
CA SER A 53 6.12 -20.82 -10.23
C SER A 53 7.04 -20.10 -11.21
N VAL A 54 7.89 -19.25 -10.69
CA VAL A 54 9.05 -18.71 -11.47
C VAL A 54 10.07 -19.85 -11.49
N LYS A 55 10.51 -20.31 -12.64
CA LYS A 55 11.38 -21.50 -12.76
C LYS A 55 12.82 -21.03 -13.03
N GLY A 56 13.77 -21.49 -12.20
CA GLY A 56 15.20 -21.28 -12.44
C GLY A 56 15.65 -19.85 -12.11
N PHE A 57 14.94 -19.14 -11.25
CA PHE A 57 15.34 -17.77 -10.86
C PHE A 57 16.65 -17.81 -10.09
N ASN A 58 17.58 -16.99 -10.53
CA ASN A 58 18.91 -16.89 -9.90
C ASN A 58 19.07 -15.48 -9.33
N VAL A 59 18.86 -15.32 -8.03
CA VAL A 59 18.89 -13.97 -7.38
C VAL A 59 20.31 -13.39 -7.51
N GLU A 60 21.33 -14.23 -7.64
CA GLU A 60 22.74 -13.77 -7.78
C GLU A 60 23.05 -13.24 -9.18
N GLU A 61 22.07 -13.16 -10.08
CA GLU A 61 22.15 -12.25 -11.26
C GLU A 61 21.92 -10.80 -10.83
N TYR A 62 21.41 -10.55 -9.63
CA TYR A 62 20.92 -9.22 -9.21
C TYR A 62 21.58 -8.74 -7.92
N LEU A 63 21.72 -9.63 -6.94
CA LEU A 63 22.06 -9.26 -5.54
C LEU A 63 23.09 -10.26 -5.04
N SER A 64 23.91 -9.87 -4.08
CA SER A 64 24.79 -10.78 -3.32
C SER A 64 23.95 -11.81 -2.55
N ALA A 65 24.46 -13.04 -2.44
CA ALA A 65 23.80 -14.13 -1.68
C ALA A 65 23.57 -13.63 -0.24
N LYS A 66 24.49 -12.84 0.32
CA LYS A 66 24.41 -12.38 1.72
C LYS A 66 23.15 -11.53 1.95
N GLU A 67 22.83 -10.61 1.03
N GLU A 67 22.88 -10.61 1.02
CA GLU A 67 21.64 -9.72 1.19
CA GLU A 67 21.71 -9.72 1.03
C GLU A 67 20.39 -10.47 0.73
C GLU A 67 20.45 -10.55 0.77
N ALA A 68 20.47 -11.34 -0.30
CA ALA A 68 19.30 -12.10 -0.78
C ALA A 68 18.72 -12.98 0.32
N ARG A 69 19.58 -13.63 1.11
N ARG A 69 19.57 -13.62 1.13
CA ARG A 69 19.18 -14.56 2.21
CA ARG A 69 19.15 -14.57 2.19
C ARG A 69 18.23 -13.84 3.19
C ARG A 69 18.29 -13.84 3.23
N LYS A 70 18.35 -12.51 3.30
CA LYS A 70 17.56 -11.70 4.27
C LYS A 70 16.17 -11.33 3.72
N LEU A 71 15.86 -11.59 2.44
CA LEU A 71 14.69 -10.97 1.77
C LEU A 71 13.71 -12.05 1.35
N ASP A 72 12.44 -11.83 1.60
CA ASP A 72 11.39 -12.73 1.08
C ASP A 72 11.50 -12.77 -0.45
N LEU A 73 11.12 -13.91 -1.02
CA LEU A 73 11.05 -14.04 -2.48
C LEU A 73 10.25 -12.89 -3.12
N PHE A 74 9.18 -12.35 -2.52
CA PHE A 74 8.40 -11.30 -3.24
C PHE A 74 9.33 -10.08 -3.42
N ILE A 75 10.17 -9.79 -2.42
CA ILE A 75 11.15 -8.68 -2.53
C ILE A 75 12.19 -9.04 -3.58
N GLN A 76 12.75 -10.24 -3.56
CA GLN A 76 13.72 -10.63 -4.58
C GLN A 76 13.11 -10.48 -5.97
N TYR A 77 11.87 -10.92 -6.18
CA TYR A 77 11.23 -10.86 -7.51
C TYR A 77 11.01 -9.39 -7.91
N GLY A 78 10.54 -8.58 -6.96
CA GLY A 78 10.27 -7.14 -7.19
C GLY A 78 11.52 -6.37 -7.60
N LEU A 79 12.61 -6.63 -6.90
CA LEU A 79 13.95 -6.04 -7.23
C LEU A 79 14.40 -6.53 -8.60
N ALA A 80 14.22 -7.81 -8.94
CA ALA A 80 14.71 -8.33 -10.23
C ALA A 80 13.98 -7.59 -11.35
N ALA A 81 12.66 -7.53 -11.27
CA ALA A 81 11.84 -6.85 -12.31
C ALA A 81 12.18 -5.35 -12.36
N SER A 82 12.41 -4.70 -11.21
CA SER A 82 12.78 -3.27 -11.11
C SER A 82 14.14 -3.03 -11.78
N PHE A 83 15.13 -3.85 -11.46
CA PHE A 83 16.49 -3.71 -12.04
C PHE A 83 16.39 -3.85 -13.56
N GLN A 84 15.65 -4.84 -14.04
CA GLN A 84 15.51 -5.07 -15.50
C GLN A 84 14.90 -3.81 -16.12
N ALA A 85 13.87 -3.25 -15.49
CA ALA A 85 13.11 -2.12 -16.09
C ALA A 85 14.04 -0.89 -16.16
N VAL A 86 14.76 -0.64 -15.09
CA VAL A 86 15.70 0.52 -15.03
C VAL A 86 16.78 0.35 -16.11
N ARG A 87 17.36 -0.85 -16.22
N ARG A 87 17.38 -0.84 -16.23
CA ARG A 87 18.41 -1.13 -17.25
CA ARG A 87 18.43 -1.09 -17.26
C ARG A 87 17.79 -0.93 -18.64
C ARG A 87 17.80 -0.94 -18.66
N ASP A 88 16.58 -1.46 -18.84
CA ASP A 88 15.87 -1.37 -20.14
C ASP A 88 15.61 0.11 -20.50
N SER A 89 15.47 1.00 -19.51
CA SER A 89 15.15 2.43 -19.73
C SER A 89 16.37 3.17 -20.29
N GLY A 90 17.59 2.71 -19.99
CA GLY A 90 18.85 3.45 -20.28
C GLY A 90 19.05 4.66 -19.36
N LEU A 91 18.21 4.85 -18.36
CA LEU A 91 18.24 6.11 -17.60
C LEU A 91 19.46 6.07 -16.68
N GLU A 92 20.17 7.20 -16.54
CA GLU A 92 21.30 7.35 -15.60
C GLU A 92 20.82 8.16 -14.41
N VAL A 93 20.93 7.58 -13.21
CA VAL A 93 20.65 8.27 -11.93
C VAL A 93 21.86 9.13 -11.61
N THR A 94 21.64 10.40 -11.32
CA THR A 94 22.71 11.40 -11.04
C THR A 94 22.28 12.27 -9.88
N ASP A 95 23.20 13.05 -9.33
CA ASP A 95 22.82 14.02 -8.26
C ASP A 95 21.77 14.97 -8.79
N ALA A 96 21.79 15.27 -10.08
CA ALA A 96 20.92 16.28 -10.74
C ALA A 96 19.47 15.79 -10.82
N ASN A 97 19.23 14.48 -10.83
CA ASN A 97 17.85 13.96 -11.09
C ASN A 97 17.43 12.98 -9.98
N ARG A 98 18.28 12.64 -9.01
CA ARG A 98 17.93 11.53 -8.09
C ARG A 98 16.70 11.92 -7.28
N GLU A 99 16.48 13.23 -7.02
CA GLU A 99 15.34 13.61 -6.15
C GLU A 99 14.04 13.58 -6.95
N ARG A 100 14.12 13.44 -8.26
CA ARG A 100 12.95 13.43 -9.17
C ARG A 100 12.64 12.01 -9.65
N ILE A 101 13.30 11.00 -9.10
CA ILE A 101 13.03 9.57 -9.49
C ILE A 101 12.54 8.82 -8.27
N GLY A 102 11.32 8.27 -8.32
CA GLY A 102 10.77 7.55 -7.18
C GLY A 102 10.39 6.13 -7.54
N VAL A 103 9.77 5.44 -6.60
CA VAL A 103 9.40 4.01 -6.82
C VAL A 103 8.07 3.75 -6.11
N SER A 104 7.22 3.00 -6.76
CA SER A 104 5.97 2.48 -6.18
C SER A 104 5.80 1.04 -6.68
N MET A 105 6.39 0.11 -5.95
CA MET A 105 6.25 -1.32 -6.22
C MET A 105 5.42 -1.90 -5.08
N GLY A 106 4.30 -2.52 -5.44
CA GLY A 106 3.34 -3.00 -4.45
C GLY A 106 3.30 -4.52 -4.35
N SER A 107 2.52 -5.00 -3.41
CA SER A 107 2.22 -6.45 -3.26
C SER A 107 0.84 -6.62 -2.62
N GLY A 108 0.13 -7.68 -2.95
CA GLY A 108 -1.18 -8.01 -2.31
C GLY A 108 -0.99 -8.50 -0.88
N ILE A 109 -0.09 -9.45 -0.68
CA ILE A 109 0.13 -10.20 0.59
C ILE A 109 1.55 -9.99 1.14
N GLY A 110 2.53 -9.70 0.29
CA GLY A 110 3.92 -9.51 0.74
C GLY A 110 4.50 -10.82 1.28
N GLY A 111 5.25 -10.76 2.36
CA GLY A 111 6.28 -11.80 2.62
C GLY A 111 5.69 -12.96 3.42
N LEU A 112 4.66 -13.60 2.87
CA LEU A 112 3.89 -14.63 3.59
C LEU A 112 4.80 -15.83 3.85
N THR A 113 5.68 -16.21 2.91
CA THR A 113 6.65 -17.34 3.08
C THR A 113 7.52 -17.06 4.31
N ASN A 114 8.15 -15.87 4.34
CA ASN A 114 9.01 -15.45 5.47
C ASN A 114 8.20 -15.47 6.77
N ILE A 115 6.95 -14.99 6.77
CA ILE A 115 6.17 -14.85 8.04
C ILE A 115 5.82 -16.25 8.54
N GLU A 116 5.49 -17.16 7.62
CA GLU A 116 5.14 -18.58 7.93
C GLU A 116 6.37 -19.23 8.56
N ASN A 117 7.54 -19.07 7.93
CA ASN A 117 8.82 -19.68 8.37
C ASN A 117 9.18 -19.18 9.77
N ASN A 118 9.04 -17.88 10.03
CA ASN A 118 9.35 -17.27 11.34
C ASN A 118 8.26 -17.66 12.33
N CYS A 119 7.01 -17.86 11.88
CA CYS A 119 5.97 -18.37 12.79
C CYS A 119 6.35 -19.78 13.26
N ARG A 120 6.84 -20.64 12.37
CA ARG A 120 7.30 -22.03 12.65
C ARG A 120 8.39 -21.96 13.74
N SER A 121 9.40 -21.13 13.52
CA SER A 121 10.49 -20.84 14.49
C SER A 121 9.93 -20.47 15.85
N LEU A 122 8.99 -19.52 15.88
CA LEU A 122 8.39 -18.99 17.13
C LEU A 122 7.68 -20.13 17.87
N PHE A 123 6.90 -20.95 17.17
CA PHE A 123 5.98 -21.91 17.83
C PHE A 123 6.78 -23.14 18.27
N GLU A 124 7.75 -23.57 17.45
CA GLU A 124 8.54 -24.79 17.68
C GLU A 124 9.71 -24.49 18.63
N GLN A 125 10.33 -23.30 18.55
CA GLN A 125 11.58 -23.01 19.28
C GLN A 125 11.31 -21.92 20.32
N GLY A 126 10.87 -20.75 19.89
CA GLY A 126 10.77 -19.56 20.73
C GLY A 126 11.12 -18.30 19.95
N PRO A 127 10.73 -17.14 20.49
CA PRO A 127 10.96 -15.85 19.86
C PRO A 127 12.44 -15.53 19.61
N ARG A 128 13.38 -16.18 20.34
CA ARG A 128 14.84 -15.97 20.18
C ARG A 128 15.29 -16.52 18.82
N ARG A 129 14.47 -17.33 18.15
CA ARG A 129 14.86 -17.88 16.81
C ARG A 129 14.21 -17.07 15.68
N ILE A 130 13.42 -16.04 15.98
CA ILE A 130 12.89 -15.16 14.90
C ILE A 130 14.07 -14.42 14.28
N SER A 131 14.16 -14.34 12.95
CA SER A 131 15.24 -13.61 12.26
C SER A 131 15.23 -12.14 12.67
N PRO A 132 16.40 -11.55 12.96
CA PRO A 132 16.50 -10.10 13.11
C PRO A 132 16.04 -9.35 11.84
N PHE A 133 16.03 -10.02 10.67
CA PHE A 133 15.66 -9.43 9.36
C PHE A 133 14.17 -9.68 9.05
N PHE A 134 13.41 -10.26 9.98
CA PHE A 134 11.98 -10.60 9.82
C PHE A 134 11.20 -9.40 9.28
N VAL A 135 11.27 -8.25 9.94
CA VAL A 135 10.45 -7.08 9.56
C VAL A 135 10.93 -6.48 8.24
N PRO A 136 12.18 -6.00 8.08
CA PRO A 136 12.59 -5.41 6.82
C PRO A 136 12.62 -6.40 5.66
N GLY A 137 12.73 -7.70 5.95
CA GLY A 137 12.73 -8.73 4.90
C GLY A 137 11.35 -9.23 4.49
N SER A 138 10.25 -8.73 5.07
CA SER A 138 8.89 -9.29 4.87
C SER A 138 7.85 -8.24 4.51
N ILE A 139 7.99 -7.01 5.01
CA ILE A 139 6.92 -5.98 4.88
C ILE A 139 6.93 -5.37 3.48
N ILE A 140 5.76 -4.95 3.03
CA ILE A 140 5.47 -4.80 1.59
C ILE A 140 6.27 -3.65 0.99
N ASN A 141 6.56 -2.60 1.76
CA ASN A 141 7.18 -1.36 1.22
C ASN A 141 8.65 -1.58 0.89
N MET A 142 9.20 -2.77 1.18
CA MET A 142 10.68 -2.93 1.14
C MET A 142 11.14 -3.24 -0.28
N VAL A 143 10.28 -3.48 -1.27
CA VAL A 143 10.73 -3.46 -2.69
C VAL A 143 11.12 -2.03 -3.03
N SER A 144 10.19 -1.10 -2.78
CA SER A 144 10.46 0.35 -2.95
C SER A 144 11.69 0.76 -2.15
N GLY A 145 11.76 0.32 -0.91
CA GLY A 145 12.87 0.70 -0.03
C GLY A 145 14.19 0.21 -0.56
N PHE A 146 14.31 -1.09 -0.81
CA PHE A 146 15.58 -1.70 -1.27
C PHE A 146 15.91 -1.12 -2.65
N LEU A 147 14.92 -0.88 -3.50
CA LEU A 147 15.27 -0.36 -4.83
C LEU A 147 15.91 1.00 -4.66
N SER A 148 15.32 1.86 -3.83
N SER A 148 15.31 1.86 -3.84
CA SER A 148 15.80 3.24 -3.59
CA SER A 148 15.79 3.24 -3.56
C SER A 148 17.23 3.21 -3.03
C SER A 148 17.22 3.22 -3.03
N ILE A 149 17.52 2.30 -2.10
CA ILE A 149 18.85 2.18 -1.44
C ILE A 149 19.88 1.75 -2.48
N HIS A 150 19.54 0.79 -3.35
CA HIS A 150 20.49 0.21 -4.35
C HIS A 150 20.76 1.20 -5.48
N LEU A 151 19.77 1.99 -5.90
CA LEU A 151 19.92 2.89 -7.08
C LEU A 151 20.06 4.36 -6.68
N GLY A 152 19.80 4.73 -5.43
CA GLY A 152 19.92 6.11 -4.92
C GLY A 152 18.73 6.97 -5.33
N LEU A 153 17.52 6.38 -5.36
CA LEU A 153 16.28 7.07 -5.79
C LEU A 153 15.72 7.86 -4.61
N GLN A 154 15.63 9.19 -4.73
CA GLN A 154 15.22 9.98 -3.56
C GLN A 154 13.88 10.65 -3.83
N GLY A 155 13.23 10.39 -4.96
CA GLY A 155 11.82 10.78 -5.21
C GLY A 155 10.82 10.10 -4.27
N PRO A 156 9.51 10.28 -4.54
CA PRO A 156 8.46 9.65 -3.75
C PRO A 156 8.71 8.14 -3.67
N ASN A 157 8.64 7.63 -2.44
CA ASN A 157 8.96 6.23 -2.10
C ASN A 157 7.78 5.68 -1.35
N TYR A 158 6.98 4.83 -2.00
CA TYR A 158 5.80 4.24 -1.31
C TYR A 158 5.43 2.90 -1.90
N ALA A 159 4.38 2.31 -1.37
CA ALA A 159 3.86 1.02 -1.87
C ALA A 159 2.36 0.99 -1.63
N LEU A 160 1.64 0.48 -2.62
CA LEU A 160 0.19 0.19 -2.54
C LEU A 160 0.02 -1.29 -2.18
N THR A 161 -1.07 -1.58 -1.51
CA THR A 161 -1.54 -2.96 -1.33
C THR A 161 -3.05 -2.95 -1.52
N THR A 162 -3.52 -3.36 -2.71
CA THR A 162 -4.96 -3.37 -3.10
C THR A 162 -5.24 -4.73 -3.69
N ALA A 163 -4.72 -5.77 -3.03
CA ALA A 163 -4.98 -7.16 -3.40
C ALA A 163 -4.72 -7.33 -4.89
N GLN A 164 -5.63 -7.93 -5.64
CA GLN A 164 -5.40 -8.31 -7.05
C GLN A 164 -5.41 -7.07 -7.97
N THR A 165 -5.60 -5.86 -7.43
CA THR A 165 -5.58 -4.62 -8.22
C THR A 165 -4.25 -3.90 -8.06
N THR A 166 -3.39 -4.42 -7.18
CA THR A 166 -2.18 -3.68 -6.73
C THR A 166 -1.31 -3.20 -7.89
N GLY A 167 -1.00 -4.07 -8.85
CA GLY A 167 -0.04 -3.69 -9.92
C GLY A 167 -0.58 -2.56 -10.79
N THR A 168 -1.86 -2.59 -11.07
CA THR A 168 -2.56 -1.59 -11.89
C THR A 168 -2.61 -0.24 -11.15
N HIS A 169 -3.04 -0.26 -9.89
CA HIS A 169 -3.08 0.95 -9.04
C HIS A 169 -1.67 1.53 -8.88
N SER A 170 -0.66 0.69 -8.66
CA SER A 170 0.72 1.19 -8.46
C SER A 170 1.15 1.97 -9.71
N ILE A 171 0.94 1.41 -10.88
CA ILE A 171 1.32 2.05 -12.16
C ILE A 171 0.50 3.34 -12.35
N GLY A 172 -0.79 3.31 -12.16
CA GLY A 172 -1.68 4.47 -12.36
C GLY A 172 -1.31 5.64 -11.45
N MET A 173 -1.12 5.36 -10.15
N MET A 173 -1.06 5.38 -10.17
CA MET A 173 -0.81 6.40 -9.14
CA MET A 173 -0.81 6.47 -9.19
C MET A 173 0.59 6.96 -9.41
C MET A 173 0.63 6.97 -9.33
N ALA A 174 1.55 6.11 -9.77
CA ALA A 174 2.93 6.56 -10.14
C ALA A 174 2.82 7.50 -11.37
N ALA A 175 1.97 7.17 -12.33
CA ALA A 175 1.75 8.05 -13.50
C ALA A 175 1.20 9.40 -13.05
N ARG A 176 0.23 9.41 -12.13
CA ARG A 176 -0.31 10.66 -11.55
C ARG A 176 0.80 11.45 -10.86
N ASN A 177 1.68 10.80 -10.10
CA ASN A 177 2.85 11.50 -9.47
C ASN A 177 3.61 12.33 -10.53
N ILE A 178 3.85 11.72 -11.67
CA ILE A 178 4.63 12.34 -12.76
C ILE A 178 3.77 13.41 -13.43
N ALA A 179 2.51 13.10 -13.70
CA ALA A 179 1.56 14.02 -14.36
C ALA A 179 1.50 15.34 -13.59
N TYR A 180 1.43 15.26 -12.25
CA TYR A 180 1.20 16.44 -11.38
C TYR A 180 2.53 17.10 -11.01
N GLY A 181 3.67 16.59 -11.48
CA GLY A 181 4.99 17.22 -11.23
C GLY A 181 5.65 16.83 -9.91
N GLU A 182 5.18 15.79 -9.21
CA GLU A 182 5.79 15.30 -7.94
C GLU A 182 7.06 14.48 -8.23
N ALA A 183 7.18 13.92 -9.45
CA ALA A 183 8.37 13.18 -9.94
C ALA A 183 8.44 13.36 -11.45
N ASP A 184 9.62 13.10 -12.03
CA ASP A 184 9.80 13.04 -13.48
C ASP A 184 9.87 11.57 -13.93
N VAL A 185 10.32 10.68 -13.03
CA VAL A 185 10.46 9.23 -13.33
C VAL A 185 9.94 8.44 -12.13
N MET A 186 9.22 7.35 -12.40
CA MET A 186 8.82 6.43 -11.35
C MET A 186 9.06 5.02 -11.86
N VAL A 187 9.58 4.17 -10.99
CA VAL A 187 9.55 2.70 -11.23
C VAL A 187 8.33 2.17 -10.51
N ALA A 188 7.44 1.50 -11.22
CA ALA A 188 6.14 1.13 -10.62
C ALA A 188 5.72 -0.23 -11.16
N GLY A 189 5.02 -0.95 -10.31
CA GLY A 189 4.50 -2.30 -10.62
C GLY A 189 4.23 -3.04 -9.33
N GLY A 190 4.46 -4.34 -9.36
CA GLY A 190 4.15 -5.16 -8.19
C GLY A 190 4.83 -6.50 -8.26
N SER A 191 4.79 -7.20 -7.14
CA SER A 191 5.46 -8.52 -7.01
C SER A 191 4.67 -9.35 -6.01
N GLU A 192 4.71 -10.65 -6.21
CA GLU A 192 3.95 -11.55 -5.33
C GLU A 192 4.62 -12.89 -5.30
N MET A 193 4.66 -13.53 -4.13
N MET A 193 4.70 -13.47 -4.09
CA MET A 193 5.01 -14.98 -4.00
CA MET A 193 5.05 -14.89 -3.83
C MET A 193 4.25 -15.55 -2.80
C MET A 193 4.15 -15.37 -2.70
N ALA A 194 2.99 -15.91 -3.04
CA ALA A 194 2.02 -16.34 -2.00
C ALA A 194 1.92 -17.87 -1.98
N ALA A 195 2.76 -18.59 -2.73
CA ALA A 195 2.74 -20.07 -2.77
C ALA A 195 3.51 -20.62 -1.57
N CYS A 196 2.95 -20.46 -0.41
CA CYS A 196 3.33 -21.18 0.82
C CYS A 196 2.06 -21.87 1.34
N GLY A 197 2.18 -22.63 2.43
CA GLY A 197 1.04 -23.28 3.11
C GLY A 197 -0.09 -22.31 3.35
N LEU A 198 0.18 -21.15 3.92
CA LEU A 198 -0.89 -20.18 4.26
C LEU A 198 -1.56 -19.66 2.98
N GLY A 199 -0.80 -19.45 1.91
CA GLY A 199 -1.36 -18.92 0.65
C GLY A 199 -2.26 -19.95 -0.03
N LEU A 200 -1.72 -21.12 -0.33
CA LEU A 200 -2.49 -22.17 -1.01
C LEU A 200 -3.61 -22.64 -0.09
N GLY A 201 -3.32 -22.80 1.20
CA GLY A 201 -4.29 -23.22 2.21
C GLY A 201 -5.38 -22.18 2.40
N GLY A 202 -5.01 -20.89 2.43
CA GLY A 202 -5.98 -19.81 2.68
C GLY A 202 -6.90 -19.61 1.48
N PHE A 203 -6.37 -19.56 0.27
CA PHE A 203 -7.26 -19.47 -0.92
C PHE A 203 -8.07 -20.75 -1.04
N GLY A 204 -7.46 -21.91 -0.75
CA GLY A 204 -8.13 -23.21 -0.75
C GLY A 204 -9.28 -23.29 0.25
N ALA A 205 -9.12 -22.76 1.47
CA ALA A 205 -10.18 -22.76 2.49
C ALA A 205 -11.40 -21.99 1.98
N ALA A 206 -11.16 -20.97 1.15
CA ALA A 206 -12.25 -20.16 0.53
C ALA A 206 -12.78 -20.84 -0.73
N ARG A 207 -12.22 -21.99 -1.11
CA ARG A 207 -12.61 -22.70 -2.35
C ARG A 207 -12.52 -21.75 -3.55
N ALA A 208 -11.57 -20.80 -3.53
CA ALA A 208 -11.36 -19.81 -4.61
C ALA A 208 -10.51 -20.39 -5.76
N LEU A 209 -9.74 -21.46 -5.53
CA LEU A 209 -8.72 -21.98 -6.48
C LEU A 209 -9.30 -23.11 -7.32
N SER A 210 -8.90 -23.16 -8.60
CA SER A 210 -9.11 -24.36 -9.43
C SER A 210 -8.52 -25.57 -8.69
N THR A 211 -9.21 -26.71 -8.76
CA THR A 211 -8.72 -27.98 -8.16
C THR A 211 -8.40 -28.99 -9.26
N ARG A 212 -8.04 -28.52 -10.46
CA ARG A 212 -7.71 -29.41 -11.62
C ARG A 212 -6.26 -29.91 -11.49
N ASN A 213 -5.94 -30.60 -10.39
CA ASN A 213 -4.57 -31.08 -10.08
C ASN A 213 -4.06 -32.03 -11.16
N ASP A 214 -4.95 -32.79 -11.78
CA ASP A 214 -4.54 -33.82 -12.77
C ASP A 214 -4.35 -33.21 -14.16
N GLU A 215 -4.58 -31.91 -14.33
CA GLU A 215 -4.28 -31.27 -15.63
C GLU A 215 -4.01 -29.79 -15.42
N PRO A 216 -2.93 -29.42 -14.71
CA PRO A 216 -2.69 -28.02 -14.37
C PRO A 216 -2.66 -27.02 -15.54
N THR A 217 -2.16 -27.39 -16.72
CA THR A 217 -2.02 -26.43 -17.84
C THR A 217 -3.41 -26.07 -18.39
N ARG A 218 -4.44 -26.86 -18.08
CA ARG A 218 -5.82 -26.56 -18.57
C ARG A 218 -6.69 -25.99 -17.43
N ALA A 219 -6.11 -25.73 -16.26
CA ALA A 219 -6.88 -25.31 -15.08
C ALA A 219 -7.42 -23.90 -15.32
N SER A 220 -6.56 -23.01 -15.77
CA SER A 220 -6.89 -21.57 -16.03
C SER A 220 -7.57 -21.47 -17.39
N ARG A 221 -8.88 -21.22 -17.40
CA ARG A 221 -9.70 -21.31 -18.63
C ARG A 221 -10.76 -20.23 -18.54
N PRO A 222 -10.32 -18.95 -18.60
CA PRO A 222 -11.23 -17.80 -18.49
C PRO A 222 -12.37 -17.87 -19.52
N TRP A 223 -13.60 -17.69 -19.03
CA TRP A 223 -14.87 -17.64 -19.84
C TRP A 223 -15.22 -19.03 -20.38
N ASP A 224 -14.41 -20.07 -20.12
CA ASP A 224 -14.81 -21.46 -20.47
C ASP A 224 -15.88 -21.96 -19.50
N ARG A 225 -16.85 -22.76 -19.97
CA ARG A 225 -17.97 -23.24 -19.11
C ARG A 225 -17.43 -24.17 -18.02
N ASP A 226 -16.25 -24.79 -18.16
CA ASP A 226 -15.71 -25.75 -17.18
C ASP A 226 -14.67 -25.11 -16.22
N ARG A 227 -14.59 -23.77 -16.18
CA ARG A 227 -13.69 -23.09 -15.21
C ARG A 227 -14.18 -23.31 -13.77
N ASP A 228 -13.26 -23.39 -12.82
CA ASP A 228 -13.55 -23.78 -11.42
C ASP A 228 -12.68 -22.97 -10.45
N GLY A 229 -12.26 -21.77 -10.85
CA GLY A 229 -11.47 -20.86 -9.98
C GLY A 229 -10.09 -20.53 -10.53
N PHE A 230 -9.41 -19.61 -9.85
CA PHE A 230 -8.17 -19.02 -10.35
C PHE A 230 -7.02 -19.98 -10.02
N VAL A 231 -5.95 -19.77 -10.76
CA VAL A 231 -4.65 -20.46 -10.58
C VAL A 231 -3.67 -19.46 -9.95
N LEU A 232 -3.08 -19.85 -8.84
CA LEU A 232 -2.16 -18.99 -8.06
C LEU A 232 -0.78 -19.01 -8.72
N SER A 233 -0.24 -17.81 -8.99
CA SER A 233 1.05 -17.64 -9.70
C SER A 233 1.88 -16.54 -9.02
N ASP A 234 3.16 -16.68 -9.28
CA ASP A 234 4.24 -15.90 -8.65
C ASP A 234 4.93 -15.02 -9.70
N GLY A 235 5.44 -13.90 -9.26
CA GLY A 235 6.37 -13.15 -10.10
C GLY A 235 6.29 -11.67 -9.83
N SER A 236 6.66 -10.88 -10.85
N SER A 236 6.69 -10.86 -10.82
CA SER A 236 6.86 -9.42 -10.75
CA SER A 236 6.77 -9.39 -10.69
C SER A 236 6.72 -8.78 -12.13
C SER A 236 6.85 -8.73 -12.06
N GLY A 237 6.28 -7.52 -12.16
CA GLY A 237 6.35 -6.65 -13.33
C GLY A 237 6.79 -5.29 -12.80
N ALA A 238 7.67 -4.64 -13.54
CA ALA A 238 8.04 -3.24 -13.25
C ALA A 238 8.11 -2.46 -14.58
N LEU A 239 7.65 -1.23 -14.53
CA LEU A 239 7.73 -0.30 -15.66
C LEU A 239 8.47 0.95 -15.18
N VAL A 240 9.27 1.50 -16.07
CA VAL A 240 9.82 2.86 -15.87
C VAL A 240 8.86 3.82 -16.57
N LEU A 241 8.18 4.64 -15.78
CA LEU A 241 7.27 5.69 -16.27
C LEU A 241 8.08 6.99 -16.25
N GLU A 242 7.88 7.82 -17.25
CA GLU A 242 8.72 9.02 -17.40
C GLU A 242 7.92 10.12 -18.06
N GLU A 243 8.08 11.33 -17.57
CA GLU A 243 7.46 12.50 -18.22
C GLU A 243 7.94 12.57 -19.67
N LEU A 244 7.02 12.86 -20.60
CA LEU A 244 7.24 12.84 -22.06
C LEU A 244 8.46 13.70 -22.44
N GLU A 245 8.48 14.97 -22.02
CA GLU A 245 9.55 15.94 -22.40
C GLU A 245 10.90 15.50 -21.81
N HIS A 246 10.90 14.91 -20.60
CA HIS A 246 12.11 14.30 -19.99
C HIS A 246 12.60 13.15 -20.89
N ALA A 247 11.70 12.30 -21.37
CA ALA A 247 12.07 11.11 -22.16
C ALA A 247 12.59 11.60 -23.52
N ARG A 248 11.95 12.62 -24.05
CA ARG A 248 12.31 13.21 -25.37
C ARG A 248 13.71 13.81 -25.27
N ALA A 249 13.98 14.57 -24.21
CA ALA A 249 15.24 15.33 -24.01
C ALA A 249 16.43 14.36 -23.99
N ARG A 250 16.27 13.16 -23.40
CA ARG A 250 17.41 12.21 -23.30
C ARG A 250 17.42 11.18 -24.44
N GLY A 251 16.59 11.31 -25.46
CA GLY A 251 16.48 10.35 -26.56
C GLY A 251 16.02 8.96 -26.11
N ALA A 252 15.12 8.85 -25.13
CA ALA A 252 14.74 7.51 -24.62
C ALA A 252 13.94 6.80 -25.71
N ARG A 253 14.07 5.48 -25.78
CA ARG A 253 13.13 4.65 -26.57
C ARG A 253 11.80 4.65 -25.82
N ILE A 254 10.71 5.02 -26.48
CA ILE A 254 9.37 5.08 -25.83
C ILE A 254 8.55 3.91 -26.36
N TYR A 255 8.07 3.02 -25.49
CA TYR A 255 7.24 1.86 -25.89
C TYR A 255 5.81 2.30 -26.20
N ALA A 256 5.25 3.21 -25.42
CA ALA A 256 3.82 3.58 -25.51
C ALA A 256 3.59 4.72 -24.53
N GLU A 257 2.45 5.40 -24.68
CA GLU A 257 2.03 6.45 -23.76
C GLU A 257 0.94 5.89 -22.84
N LEU A 258 1.02 6.23 -21.56
N LEU A 258 1.00 6.26 -21.57
CA LEU A 258 -0.04 5.96 -20.56
CA LEU A 258 -0.03 5.97 -20.55
C LEU A 258 -0.98 7.17 -20.55
C LEU A 258 -0.99 7.16 -20.51
N VAL A 259 -2.17 7.04 -21.16
CA VAL A 259 -3.09 8.19 -21.36
C VAL A 259 -4.24 8.22 -20.36
N GLY A 260 -4.54 7.10 -19.69
CA GLY A 260 -5.73 7.04 -18.84
C GLY A 260 -5.54 6.11 -17.65
N PHE A 261 -6.18 6.47 -16.55
CA PHE A 261 -6.20 5.65 -15.33
C PHE A 261 -7.54 5.88 -14.64
N GLY A 262 -8.18 4.77 -14.32
CA GLY A 262 -9.40 4.78 -13.52
C GLY A 262 -9.23 3.90 -12.31
N MET A 263 -9.90 4.34 -11.25
CA MET A 263 -10.17 3.59 -10.04
C MET A 263 -11.65 3.87 -9.73
N SER A 264 -12.27 2.87 -9.17
CA SER A 264 -13.66 2.91 -8.67
C SER A 264 -13.71 1.84 -7.60
N GLY A 265 -14.45 2.06 -6.52
CA GLY A 265 -14.90 0.97 -5.64
C GLY A 265 -16.26 0.47 -6.07
N ASP A 266 -16.45 -0.84 -6.06
CA ASP A 266 -17.74 -1.55 -6.25
C ASP A 266 -18.69 -1.15 -5.13
N ALA A 267 -18.17 -1.16 -3.91
CA ALA A 267 -18.97 -1.08 -2.66
C ALA A 267 -20.00 -2.21 -2.65
N PHE A 268 -19.68 -3.38 -3.18
CA PHE A 268 -20.66 -4.48 -3.35
C PHE A 268 -20.43 -5.57 -2.28
N HIS A 269 -19.25 -6.17 -2.26
CA HIS A 269 -18.97 -7.38 -1.45
C HIS A 269 -17.48 -7.52 -1.20
N MET A 270 -17.09 -8.11 -0.06
CA MET A 270 -15.68 -8.25 0.35
C MET A 270 -14.88 -8.98 -0.72
N THR A 271 -15.47 -9.98 -1.40
CA THR A 271 -14.69 -10.87 -2.30
C THR A 271 -15.39 -11.10 -3.64
N ALA A 272 -16.73 -11.04 -3.70
CA ALA A 272 -17.48 -11.31 -4.94
C ALA A 272 -17.65 -10.03 -5.78
N PRO A 273 -17.45 -10.11 -7.10
CA PRO A 273 -17.73 -8.99 -7.99
C PRO A 273 -19.22 -8.94 -8.26
N PRO A 274 -19.86 -7.78 -8.50
CA PRO A 274 -21.27 -7.75 -8.87
C PRO A 274 -21.42 -8.42 -10.25
N GLU A 275 -22.46 -9.24 -10.43
CA GLU A 275 -22.72 -10.03 -11.67
C GLU A 275 -22.78 -9.12 -12.91
N ASP A 276 -23.30 -7.89 -12.77
CA ASP A 276 -23.55 -6.95 -13.90
C ASP A 276 -22.27 -6.19 -14.26
N GLY A 277 -21.19 -6.36 -13.49
CA GLY A 277 -19.90 -5.66 -13.69
C GLY A 277 -20.01 -4.15 -13.51
N ALA A 278 -20.91 -3.62 -12.67
CA ALA A 278 -21.12 -2.16 -12.47
C ALA A 278 -19.81 -1.48 -12.05
N GLY A 279 -19.01 -2.07 -11.16
CA GLY A 279 -17.77 -1.42 -10.66
C GLY A 279 -16.71 -1.35 -11.74
N ALA A 280 -16.53 -2.43 -12.50
CA ALA A 280 -15.58 -2.48 -13.63
C ALA A 280 -16.03 -1.49 -14.74
N ALA A 281 -17.33 -1.39 -15.01
CA ALA A 281 -17.88 -0.43 -16.00
C ALA A 281 -17.55 1.00 -15.54
N ARG A 282 -17.83 1.31 -14.29
CA ARG A 282 -17.58 2.67 -13.74
C ARG A 282 -16.10 2.99 -13.88
N CYS A 283 -15.24 2.03 -13.53
CA CYS A 283 -13.77 2.21 -13.56
C CYS A 283 -13.29 2.45 -15.00
N MET A 284 -13.75 1.64 -15.95
CA MET A 284 -13.30 1.77 -17.35
C MET A 284 -13.77 3.12 -17.91
N LYS A 285 -15.01 3.50 -17.60
CA LYS A 285 -15.56 4.77 -18.09
C LYS A 285 -14.72 5.93 -17.55
N ASN A 286 -14.37 5.89 -16.26
CA ASN A 286 -13.48 6.90 -15.66
C ASN A 286 -12.17 6.97 -16.44
N ALA A 287 -11.52 5.82 -16.71
CA ALA A 287 -10.22 5.72 -17.42
C ALA A 287 -10.35 6.28 -18.86
N LEU A 288 -11.43 5.97 -19.58
CA LEU A 288 -11.59 6.42 -20.98
C LEU A 288 -11.81 7.94 -21.01
N ARG A 289 -12.56 8.48 -20.05
CA ARG A 289 -12.79 9.94 -19.97
C ARG A 289 -11.46 10.62 -19.58
N ASP A 290 -10.71 10.01 -18.65
CA ASP A 290 -9.35 10.49 -18.25
C ASP A 290 -8.44 10.54 -19.47
N ALA A 291 -8.55 9.58 -20.40
CA ALA A 291 -7.69 9.53 -21.61
C ALA A 291 -8.26 10.42 -22.73
N GLY A 292 -9.42 11.07 -22.53
CA GLY A 292 -10.04 11.91 -23.58
C GLY A 292 -10.39 11.11 -24.82
N LEU A 293 -10.86 9.87 -24.65
CA LEU A 293 -11.12 8.93 -25.76
C LEU A 293 -12.62 8.77 -26.03
N ASP A 294 -12.95 8.55 -27.30
CA ASP A 294 -14.15 7.83 -27.74
C ASP A 294 -13.97 6.36 -27.37
N PRO A 295 -14.89 5.67 -26.68
CA PRO A 295 -14.69 4.25 -26.36
C PRO A 295 -14.43 3.43 -27.63
N ARG A 296 -14.95 3.88 -28.79
CA ARG A 296 -14.74 3.11 -30.04
C ARG A 296 -13.26 3.06 -30.43
N GLN A 297 -12.38 3.89 -29.83
CA GLN A 297 -10.92 3.88 -30.12
C GLN A 297 -10.27 2.64 -29.48
N VAL A 298 -10.94 2.01 -28.53
CA VAL A 298 -10.32 0.83 -27.84
C VAL A 298 -10.25 -0.37 -28.76
N ASP A 299 -9.04 -0.89 -29.00
CA ASP A 299 -8.83 -2.03 -29.91
C ASP A 299 -8.59 -3.34 -29.15
N TYR A 300 -7.94 -3.28 -27.98
CA TYR A 300 -7.53 -4.49 -27.26
C TYR A 300 -7.77 -4.25 -25.77
N ILE A 301 -8.41 -5.21 -25.12
CA ILE A 301 -8.50 -5.25 -23.65
C ILE A 301 -7.76 -6.48 -23.12
N ASN A 302 -6.79 -6.26 -22.25
CA ASN A 302 -6.20 -7.32 -21.40
C ASN A 302 -7.13 -7.41 -20.19
N ALA A 303 -8.04 -8.37 -20.20
CA ALA A 303 -9.04 -8.58 -19.13
C ALA A 303 -8.36 -8.93 -17.82
N HIS A 304 -9.06 -8.77 -16.70
CA HIS A 304 -8.63 -9.38 -15.42
C HIS A 304 -8.70 -10.90 -15.64
N GLY A 305 -9.85 -11.39 -16.09
CA GLY A 305 -10.04 -12.76 -16.62
C GLY A 305 -9.42 -13.83 -15.71
N THR A 306 -9.85 -13.96 -14.46
CA THR A 306 -9.18 -14.83 -13.45
C THR A 306 -9.56 -16.32 -13.59
N SER A 307 -10.58 -16.66 -14.36
CA SER A 307 -11.10 -18.05 -14.48
C SER A 307 -11.98 -18.40 -13.27
N THR A 308 -12.62 -17.40 -12.66
CA THR A 308 -13.72 -17.62 -11.68
C THR A 308 -15.06 -17.54 -12.41
N PRO A 309 -16.02 -18.36 -11.97
CA PRO A 309 -17.39 -18.28 -12.52
C PRO A 309 -17.96 -16.85 -12.54
N ALA A 310 -17.94 -16.16 -11.41
CA ALA A 310 -18.61 -14.85 -11.26
C ALA A 310 -17.73 -13.73 -11.89
N GLY A 311 -16.41 -13.76 -11.64
CA GLY A 311 -15.50 -12.70 -12.15
C GLY A 311 -15.55 -12.59 -13.66
N ASP A 312 -15.37 -13.71 -14.37
CA ASP A 312 -15.27 -13.71 -15.85
C ASP A 312 -16.56 -13.17 -16.48
N ILE A 313 -17.74 -13.53 -15.99
CA ILE A 313 -19.01 -13.12 -16.65
C ILE A 313 -19.30 -11.65 -16.30
N ALA A 314 -18.92 -11.19 -15.10
CA ALA A 314 -19.02 -9.77 -14.71
C ALA A 314 -18.25 -8.91 -15.71
N GLU A 315 -17.09 -9.38 -16.14
CA GLU A 315 -16.22 -8.60 -17.05
C GLU A 315 -16.84 -8.50 -18.43
N ILE A 316 -17.45 -9.58 -18.91
CA ILE A 316 -18.19 -9.52 -20.20
C ILE A 316 -19.30 -8.45 -20.04
N ALA A 317 -20.07 -8.54 -18.97
CA ALA A 317 -21.19 -7.60 -18.74
C ALA A 317 -20.66 -6.16 -18.76
N ALA A 318 -19.52 -5.94 -18.10
CA ALA A 318 -18.94 -4.57 -17.96
C ALA A 318 -18.54 -4.06 -19.34
N VAL A 319 -17.86 -4.91 -20.11
CA VAL A 319 -17.37 -4.54 -21.47
C VAL A 319 -18.56 -4.24 -22.41
N LYS A 320 -19.59 -5.09 -22.42
CA LYS A 320 -20.81 -4.82 -23.25
C LYS A 320 -21.45 -3.48 -22.84
N SER A 321 -21.51 -3.18 -21.55
CA SER A 321 -22.18 -1.97 -21.00
C SER A 321 -21.39 -0.70 -21.40
N VAL A 322 -20.05 -0.76 -21.36
CA VAL A 322 -19.20 0.41 -21.69
C VAL A 322 -19.14 0.58 -23.21
N PHE A 323 -19.01 -0.50 -23.97
CA PHE A 323 -18.61 -0.38 -25.39
C PHE A 323 -19.80 -0.57 -26.35
N GLY A 324 -20.95 -1.02 -25.86
CA GLY A 324 -22.13 -1.27 -26.70
C GLY A 324 -21.75 -2.10 -27.92
N GLU A 325 -22.14 -1.66 -29.12
CA GLU A 325 -21.87 -2.44 -30.35
C GLU A 325 -20.37 -2.58 -30.58
N HIS A 326 -19.56 -1.60 -30.19
CA HIS A 326 -18.10 -1.68 -30.36
C HIS A 326 -17.50 -2.85 -29.53
N ALA A 327 -18.23 -3.36 -28.54
CA ALA A 327 -17.81 -4.57 -27.78
C ALA A 327 -17.54 -5.74 -28.73
N HIS A 328 -18.22 -5.79 -29.88
CA HIS A 328 -18.09 -6.86 -30.89
C HIS A 328 -16.94 -6.57 -31.86
N ALA A 329 -16.25 -5.42 -31.79
CA ALA A 329 -15.18 -5.09 -32.75
C ALA A 329 -13.80 -5.18 -32.08
N LEU A 330 -13.69 -4.80 -30.81
CA LEU A 330 -12.42 -4.92 -30.05
C LEU A 330 -12.09 -6.42 -29.87
N SER A 331 -10.88 -6.69 -29.44
CA SER A 331 -10.41 -8.03 -29.00
C SER A 331 -10.11 -7.96 -27.51
N MET A 332 -10.60 -8.92 -26.75
CA MET A 332 -10.35 -9.00 -25.30
C MET A 332 -9.76 -10.36 -24.98
N SER A 333 -8.66 -10.41 -24.24
CA SER A 333 -8.09 -11.73 -23.87
C SER A 333 -7.57 -11.69 -22.44
N SER A 334 -7.44 -12.87 -21.86
CA SER A 334 -6.89 -13.07 -20.52
C SER A 334 -5.60 -13.88 -20.68
N THR A 335 -4.48 -13.21 -20.44
CA THR A 335 -3.15 -13.86 -20.42
C THR A 335 -3.02 -14.70 -19.15
N LYS A 336 -3.94 -14.57 -18.20
CA LYS A 336 -4.00 -15.48 -17.02
C LYS A 336 -4.33 -16.92 -17.46
N SER A 337 -4.89 -17.11 -18.66
CA SER A 337 -5.04 -18.43 -19.30
C SER A 337 -3.69 -19.16 -19.35
N MET A 338 -2.58 -18.41 -19.45
CA MET A 338 -1.19 -18.94 -19.60
C MET A 338 -0.38 -18.73 -18.32
N THR A 339 -0.45 -17.55 -17.68
CA THR A 339 0.43 -17.18 -16.54
C THR A 339 -0.18 -17.60 -15.20
N GLY A 340 -1.50 -17.83 -15.17
CA GLY A 340 -2.28 -17.82 -13.93
C GLY A 340 -2.34 -16.42 -13.35
N HIS A 341 -2.74 -16.35 -12.10
CA HIS A 341 -3.08 -15.08 -11.42
C HIS A 341 -1.94 -14.70 -10.48
N LEU A 342 -1.18 -13.67 -10.85
CA LEU A 342 -0.02 -13.20 -10.05
C LEU A 342 -0.48 -12.24 -8.96
N LEU A 343 -1.79 -12.14 -8.72
CA LEU A 343 -2.35 -11.41 -7.56
C LEU A 343 -1.84 -9.96 -7.65
N GLY A 344 -1.09 -9.49 -6.65
CA GLY A 344 -0.61 -8.09 -6.66
C GLY A 344 0.27 -7.77 -7.87
N ALA A 345 0.90 -8.78 -8.49
CA ALA A 345 1.76 -8.58 -9.68
C ALA A 345 0.96 -8.69 -10.99
N ALA A 346 -0.28 -9.20 -10.95
CA ALA A 346 -1.09 -9.42 -12.19
C ALA A 346 -1.18 -8.15 -13.03
N GLY A 347 -1.51 -7.03 -12.40
CA GLY A 347 -1.75 -5.79 -13.14
C GLY A 347 -0.43 -5.29 -13.72
N ALA A 348 0.68 -5.63 -13.09
CA ALA A 348 2.01 -5.17 -13.55
C ALA A 348 2.44 -5.96 -14.80
N VAL A 349 2.37 -7.27 -14.77
CA VAL A 349 2.77 -8.09 -15.95
C VAL A 349 1.79 -7.83 -17.09
N GLU A 350 0.49 -7.64 -16.79
CA GLU A 350 -0.54 -7.45 -17.82
C GLU A 350 -0.41 -6.05 -18.43
N ALA A 351 0.04 -5.06 -17.66
CA ALA A 351 0.34 -3.73 -18.23
C ALA A 351 1.49 -3.91 -19.26
N ILE A 352 2.49 -4.73 -18.94
CA ILE A 352 3.61 -4.97 -19.88
C ILE A 352 3.08 -5.69 -21.13
N PHE A 353 2.19 -6.66 -20.95
CA PHE A 353 1.64 -7.44 -22.08
C PHE A 353 0.80 -6.47 -22.92
N SER A 354 0.11 -5.52 -22.32
CA SER A 354 -0.74 -4.55 -23.06
C SER A 354 0.16 -3.65 -23.92
N VAL A 355 1.25 -3.17 -23.34
CA VAL A 355 2.26 -2.34 -24.06
C VAL A 355 2.85 -3.15 -25.22
N LEU A 356 3.17 -4.43 -25.02
CA LEU A 356 3.76 -5.27 -26.11
C LEU A 356 2.73 -5.55 -27.18
N ALA A 357 1.43 -5.66 -26.85
CA ALA A 357 0.35 -5.81 -27.85
C ALA A 357 0.37 -4.58 -28.78
N LEU A 358 0.58 -3.40 -28.22
CA LEU A 358 0.74 -2.13 -28.98
C LEU A 358 2.04 -2.19 -29.81
N ARG A 359 3.17 -2.58 -29.24
CA ARG A 359 4.46 -2.63 -29.99
C ARG A 359 4.35 -3.58 -31.20
N ASP A 360 3.75 -4.76 -31.02
CA ASP A 360 3.83 -5.88 -32.00
C ASP A 360 2.52 -6.01 -32.78
N GLN A 361 1.49 -5.24 -32.43
CA GLN A 361 0.20 -5.23 -33.16
C GLN A 361 -0.40 -6.64 -33.16
N VAL A 362 -0.55 -7.21 -31.97
CA VAL A 362 -1.07 -8.60 -31.82
C VAL A 362 -1.81 -8.67 -30.50
N ALA A 363 -2.94 -9.32 -30.51
CA ALA A 363 -3.74 -9.68 -29.31
C ALA A 363 -3.29 -11.04 -28.84
N PRO A 364 -2.73 -11.13 -27.62
CA PRO A 364 -2.42 -12.42 -27.02
C PRO A 364 -3.66 -13.28 -26.92
N PRO A 365 -3.49 -14.61 -26.97
CA PRO A 365 -4.64 -15.51 -26.90
C PRO A 365 -5.18 -15.69 -25.47
N THR A 366 -6.43 -16.07 -25.39
CA THR A 366 -6.99 -16.75 -24.20
C THR A 366 -6.90 -18.25 -24.51
N ILE A 367 -5.89 -18.95 -24.02
CA ILE A 367 -5.85 -20.42 -24.22
C ILE A 367 -6.94 -21.07 -23.37
N ASN A 368 -7.26 -22.30 -23.74
CA ASN A 368 -8.16 -23.21 -22.98
C ASN A 368 -9.62 -22.81 -23.17
N LEU A 369 -9.92 -21.83 -24.05
CA LEU A 369 -11.32 -21.36 -24.23
C LEU A 369 -12.00 -22.29 -25.25
N ASP A 370 -12.27 -23.52 -24.82
CA ASP A 370 -12.82 -24.59 -25.68
C ASP A 370 -14.32 -24.40 -25.87
N ASN A 371 -15.05 -24.06 -24.80
CA ASN A 371 -16.54 -23.92 -24.80
C ASN A 371 -16.89 -22.64 -24.06
N PRO A 372 -16.93 -21.50 -24.79
CA PRO A 372 -17.28 -20.22 -24.19
C PRO A 372 -18.63 -20.34 -23.47
N ASP A 373 -18.71 -19.76 -22.28
CA ASP A 373 -19.92 -19.86 -21.43
C ASP A 373 -21.05 -18.99 -21.99
N GLU A 374 -22.25 -19.16 -21.47
CA GLU A 374 -23.42 -18.35 -21.88
C GLU A 374 -23.04 -16.86 -21.80
N GLY A 375 -23.28 -16.14 -22.91
CA GLY A 375 -23.10 -14.69 -23.04
C GLY A 375 -21.65 -14.29 -23.32
N CYS A 376 -20.72 -15.25 -23.35
CA CYS A 376 -19.26 -14.98 -23.52
C CYS A 376 -18.96 -15.02 -25.03
N ASP A 377 -19.58 -14.10 -25.77
CA ASP A 377 -19.72 -14.17 -27.25
C ASP A 377 -18.97 -12.98 -27.89
N LEU A 378 -18.03 -12.37 -27.18
CA LEU A 378 -17.15 -11.34 -27.77
C LEU A 378 -16.00 -12.05 -28.49
N ASP A 379 -15.16 -11.28 -29.18
CA ASP A 379 -13.84 -11.79 -29.62
C ASP A 379 -12.91 -11.92 -28.40
N LEU A 380 -12.78 -13.12 -27.85
CA LEU A 380 -11.92 -13.40 -26.67
C LEU A 380 -10.59 -14.02 -27.12
N VAL A 381 -10.31 -13.99 -28.42
CA VAL A 381 -9.00 -14.41 -29.00
C VAL A 381 -8.72 -15.85 -28.57
N ALA A 382 -9.72 -16.73 -28.63
CA ALA A 382 -9.56 -18.14 -28.20
C ALA A 382 -8.36 -18.81 -28.89
N HIS A 383 -7.51 -19.49 -28.11
CA HIS A 383 -6.51 -20.51 -28.55
C HIS A 383 -5.24 -19.88 -29.12
N GLU A 384 -5.34 -18.90 -30.02
CA GLU A 384 -4.22 -18.44 -30.87
C GLU A 384 -4.12 -16.92 -30.92
N ALA A 385 -2.90 -16.41 -30.84
CA ALA A 385 -2.58 -14.97 -30.92
C ALA A 385 -3.19 -14.43 -32.23
N LYS A 386 -3.70 -13.20 -32.19
CA LYS A 386 -4.39 -12.60 -33.36
C LYS A 386 -3.72 -11.28 -33.72
N PRO A 387 -2.90 -11.25 -34.79
CA PRO A 387 -2.41 -10.01 -35.37
C PRO A 387 -3.59 -9.10 -35.74
N ARG A 388 -3.53 -7.83 -35.41
CA ARG A 388 -4.63 -6.87 -35.67
C ARG A 388 -4.11 -5.46 -35.38
N LYS A 389 -4.84 -4.46 -35.85
CA LYS A 389 -4.53 -3.05 -35.54
C LYS A 389 -4.88 -2.79 -34.07
N ILE A 390 -3.93 -2.26 -33.32
CA ILE A 390 -4.14 -1.84 -31.92
C ILE A 390 -3.48 -0.47 -31.74
N ASP A 391 -4.31 0.55 -31.68
CA ASP A 391 -3.87 1.91 -31.34
C ASP A 391 -4.05 2.16 -29.85
N VAL A 392 -5.10 1.58 -29.25
CA VAL A 392 -5.42 1.81 -27.82
C VAL A 392 -5.67 0.45 -27.16
N ALA A 393 -4.95 0.22 -26.06
CA ALA A 393 -5.10 -1.01 -25.27
C ALA A 393 -5.44 -0.62 -23.85
N LEU A 394 -6.34 -1.41 -23.25
N LEU A 394 -6.45 -1.32 -23.30
CA LEU A 394 -6.84 -1.20 -21.87
CA LEU A 394 -6.84 -1.25 -21.86
C LEU A 394 -6.53 -2.45 -21.05
C LEU A 394 -6.21 -2.44 -21.12
N SER A 395 -6.04 -2.27 -19.81
CA SER A 395 -5.70 -3.37 -18.90
C SER A 395 -6.55 -3.21 -17.63
N ASN A 396 -7.38 -4.19 -17.34
CA ASN A 396 -8.31 -4.15 -16.17
C ASN A 396 -7.81 -5.04 -15.05
N SER A 397 -8.06 -4.62 -13.83
CA SER A 397 -7.83 -5.42 -12.60
C SER A 397 -8.99 -5.10 -11.67
N PHE A 398 -9.42 -6.12 -10.91
N PHE A 398 -9.45 -6.11 -10.92
CA PHE A 398 -10.44 -6.03 -9.84
CA PHE A 398 -10.45 -5.97 -9.82
C PHE A 398 -9.88 -6.83 -8.66
C PHE A 398 -10.02 -6.89 -8.68
N GLY A 399 -10.26 -6.47 -7.44
CA GLY A 399 -9.73 -7.16 -6.26
C GLY A 399 -10.71 -7.26 -5.15
N PHE A 400 -10.33 -8.03 -4.14
CA PHE A 400 -11.05 -8.04 -2.85
C PHE A 400 -11.21 -6.60 -2.34
N GLY A 401 -12.35 -6.37 -1.71
CA GLY A 401 -12.78 -5.07 -1.20
C GLY A 401 -13.50 -4.27 -2.25
N GLY A 402 -13.77 -4.87 -3.39
CA GLY A 402 -14.44 -4.21 -4.52
C GLY A 402 -13.60 -3.12 -5.13
N THR A 403 -12.28 -3.32 -5.19
N THR A 403 -12.28 -3.33 -5.09
CA THR A 403 -11.31 -2.30 -5.67
CA THR A 403 -11.26 -2.47 -5.70
C THR A 403 -10.96 -2.57 -7.14
C THR A 403 -11.33 -2.65 -7.22
N ASN A 404 -11.18 -1.57 -7.99
CA ASN A 404 -11.07 -1.68 -9.47
C ASN A 404 -9.96 -0.74 -9.98
N GLY A 405 -9.23 -1.19 -11.00
CA GLY A 405 -8.29 -0.31 -11.71
C GLY A 405 -8.33 -0.57 -13.20
N THR A 406 -8.19 0.49 -14.00
CA THR A 406 -8.06 0.38 -15.45
C THR A 406 -6.91 1.30 -15.86
N LEU A 407 -6.02 0.78 -16.66
CA LEU A 407 -4.98 1.58 -17.34
C LEU A 407 -5.28 1.61 -18.84
N VAL A 408 -5.09 2.78 -19.44
CA VAL A 408 -5.28 2.97 -20.90
C VAL A 408 -3.93 3.41 -21.48
N PHE A 409 -3.46 2.63 -22.44
CA PHE A 409 -2.19 2.87 -23.15
C PHE A 409 -2.52 3.15 -24.61
N ARG A 410 -1.66 3.89 -25.27
CA ARG A 410 -1.76 4.08 -26.72
C ARG A 410 -0.38 4.17 -27.35
N ARG A 411 -0.32 3.87 -28.64
CA ARG A 411 0.90 4.01 -29.48
C ARG A 411 1.38 5.45 -29.40
N PHE A 412 2.69 5.64 -29.31
CA PHE A 412 3.34 6.97 -29.33
C PHE A 412 4.23 7.06 -30.58
N ALA A 413 4.15 8.15 -31.35
CA ALA A 413 4.91 8.39 -32.61
C ALA A 413 5.89 9.55 -32.43
N SER B 2 -4.23 24.96 -11.62
CA SER B 2 -4.31 25.21 -10.16
C SER B 2 -4.87 23.97 -9.44
N ARG B 3 -5.25 24.15 -8.17
CA ARG B 3 -5.39 23.06 -7.16
C ARG B 3 -6.50 23.43 -6.18
N ARG B 4 -7.37 22.50 -5.80
CA ARG B 4 -8.42 22.80 -4.81
C ARG B 4 -7.84 22.72 -3.39
N ARG B 5 -8.49 23.40 -2.47
CA ARG B 5 -8.09 23.40 -1.06
C ARG B 5 -8.77 22.22 -0.36
N VAL B 6 -8.06 21.65 0.62
CA VAL B 6 -8.46 20.43 1.37
C VAL B 6 -8.50 20.79 2.85
N VAL B 7 -9.62 20.48 3.47
CA VAL B 7 -9.82 20.74 4.92
C VAL B 7 -10.15 19.42 5.61
N ILE B 8 -9.98 19.41 6.93
CA ILE B 8 -10.31 18.26 7.80
C ILE B 8 -11.65 18.55 8.49
N THR B 9 -12.65 17.70 8.27
CA THR B 9 -14.02 17.92 8.81
C THR B 9 -14.46 16.82 9.77
N GLY B 10 -13.69 15.75 9.91
CA GLY B 10 -14.00 14.64 10.82
C GLY B 10 -12.74 13.89 11.23
N MET B 11 -12.69 13.45 12.48
CA MET B 11 -11.55 12.66 12.97
C MET B 11 -12.06 11.54 13.87
N GLY B 12 -11.31 10.43 13.88
CA GLY B 12 -11.63 9.21 14.63
C GLY B 12 -10.38 8.50 15.08
N MET B 13 -10.42 7.82 16.21
CA MET B 13 -9.16 7.28 16.79
C MET B 13 -9.46 6.16 17.77
N LEU B 14 -8.62 5.11 17.75
CA LEU B 14 -8.34 4.21 18.89
C LEU B 14 -6.86 4.39 19.23
N SER B 15 -6.52 4.54 20.49
CA SER B 15 -5.11 4.64 20.89
C SER B 15 -4.97 4.01 22.27
N PRO B 16 -3.71 3.89 22.72
CA PRO B 16 -3.44 3.46 24.09
C PRO B 16 -3.96 4.45 25.14
N LEU B 17 -4.36 5.67 24.73
CA LEU B 17 -4.90 6.69 25.67
C LEU B 17 -6.42 6.67 25.71
N GLY B 18 -7.09 6.03 24.75
CA GLY B 18 -8.54 6.23 24.68
C GLY B 18 -9.18 5.61 23.47
N LEU B 19 -10.49 5.45 23.57
CA LEU B 19 -11.30 4.78 22.52
C LEU B 19 -11.89 5.84 21.57
N ASP B 20 -11.48 7.10 21.68
CA ASP B 20 -11.90 8.12 20.69
C ASP B 20 -10.93 9.28 20.75
N VAL B 21 -11.19 10.30 19.95
CA VAL B 21 -10.27 11.46 19.84
C VAL B 21 -10.29 12.23 21.16
N PRO B 22 -11.44 12.69 21.68
CA PRO B 22 -11.39 13.61 22.83
C PRO B 22 -10.77 12.94 24.07
N SER B 23 -11.05 11.66 24.33
CA SER B 23 -10.41 10.91 25.44
C SER B 23 -8.88 10.81 25.22
N SER B 24 -8.44 10.45 24.01
CA SER B 24 -7.01 10.33 23.69
C SER B 24 -6.34 11.70 23.90
N TRP B 25 -6.95 12.76 23.38
CA TRP B 25 -6.37 14.12 23.43
C TRP B 25 -6.26 14.63 24.88
N GLU B 26 -7.27 14.34 25.70
CA GLU B 26 -7.24 14.60 27.17
C GLU B 26 -6.00 13.95 27.78
N GLY B 27 -5.72 12.68 27.45
CA GLY B 27 -4.52 11.97 27.91
C GLY B 27 -3.25 12.69 27.48
N ILE B 28 -3.22 13.12 26.22
CA ILE B 28 -2.03 13.75 25.59
C ILE B 28 -1.71 15.04 26.35
N LEU B 29 -2.70 15.88 26.57
CA LEU B 29 -2.46 17.19 27.21
C LEU B 29 -2.18 17.02 28.71
N ALA B 30 -2.57 15.89 29.32
CA ALA B 30 -2.28 15.57 30.75
C ALA B 30 -0.93 14.87 30.92
N GLY B 31 -0.20 14.56 29.84
CA GLY B 31 1.06 13.82 29.93
C GLY B 31 0.88 12.38 30.40
N ARG B 32 -0.27 11.78 30.17
CA ARG B 32 -0.55 10.39 30.62
C ARG B 32 0.15 9.42 29.68
N SER B 33 0.69 8.33 30.20
CA SER B 33 1.22 7.18 29.42
C SER B 33 0.09 6.17 29.18
N GLY B 34 0.06 5.61 27.99
CA GLY B 34 -0.82 4.49 27.62
C GLY B 34 -0.08 3.19 27.70
N ILE B 35 1.18 3.19 28.21
CA ILE B 35 2.07 1.99 28.10
C ILE B 35 1.94 1.13 29.37
N ALA B 36 1.84 -0.18 29.20
CA ALA B 36 1.65 -1.11 30.33
C ALA B 36 2.06 -2.51 29.88
N PRO B 37 2.34 -3.41 30.84
CA PRO B 37 2.60 -4.79 30.51
C PRO B 37 1.41 -5.34 29.69
N ILE B 38 1.75 -6.10 28.67
CA ILE B 38 0.76 -6.67 27.73
C ILE B 38 0.07 -7.86 28.42
N GLU B 39 -1.25 -7.88 28.39
CA GLU B 39 -2.05 -8.90 29.10
C GLU B 39 -2.56 -9.96 28.13
N HIS B 40 -3.01 -11.08 28.68
CA HIS B 40 -3.67 -12.18 27.92
C HIS B 40 -2.74 -12.55 26.76
N MET B 41 -1.51 -12.93 27.10
CA MET B 41 -0.40 -13.25 26.16
C MET B 41 0.86 -13.56 26.97
N ASP B 42 1.48 -14.73 26.79
CA ASP B 42 2.67 -15.18 27.56
C ASP B 42 3.92 -14.61 26.88
N LEU B 43 4.49 -13.56 27.46
CA LEU B 43 5.70 -12.92 26.88
C LEU B 43 6.94 -13.31 27.70
N SER B 44 6.89 -14.43 28.46
CA SER B 44 8.00 -14.88 29.34
C SER B 44 9.33 -14.94 28.59
N ALA B 45 9.33 -15.52 27.38
CA ALA B 45 10.57 -15.76 26.61
C ALA B 45 11.00 -14.52 25.82
N TYR B 46 10.28 -13.40 25.95
CA TYR B 46 10.48 -12.18 25.13
C TYR B 46 11.31 -11.18 25.93
N SER B 47 12.11 -10.36 25.27
CA SER B 47 12.95 -9.33 25.98
C SER B 47 12.13 -8.06 26.26
N THR B 48 10.98 -7.88 25.62
CA THR B 48 10.03 -6.76 25.86
C THR B 48 8.66 -7.37 26.23
N ARG B 49 8.07 -6.95 27.35
CA ARG B 49 6.80 -7.53 27.89
C ARG B 49 5.69 -6.45 27.99
N PHE B 50 5.91 -5.27 27.42
CA PHE B 50 4.98 -4.14 27.57
C PHE B 50 4.81 -3.46 26.20
N GLY B 51 3.80 -2.61 26.14
CA GLY B 51 3.49 -1.76 24.97
C GLY B 51 2.22 -0.97 25.18
N GLY B 52 1.75 -0.33 24.11
CA GLY B 52 0.49 0.43 24.10
C GLY B 52 -0.64 -0.41 23.51
N SER B 53 -1.47 -0.97 24.36
CA SER B 53 -2.66 -1.76 23.96
C SER B 53 -3.86 -0.83 23.89
N VAL B 54 -4.80 -1.11 23.01
CA VAL B 54 -6.14 -0.46 23.07
C VAL B 54 -6.93 -1.17 24.17
N LYS B 55 -7.42 -0.43 25.15
CA LYS B 55 -8.08 -0.98 26.36
C LYS B 55 -9.60 -0.83 26.26
N GLY B 56 -10.30 -1.96 26.28
CA GLY B 56 -11.76 -2.02 26.43
C GLY B 56 -12.49 -1.80 25.11
N PHE B 57 -11.83 -2.03 23.98
CA PHE B 57 -12.44 -1.87 22.64
C PHE B 57 -13.61 -2.84 22.51
N ASN B 58 -14.75 -2.31 22.12
CA ASN B 58 -15.98 -3.09 21.85
C ASN B 58 -16.30 -2.97 20.37
N VAL B 59 -15.87 -3.96 19.60
CA VAL B 59 -16.11 -3.99 18.14
C VAL B 59 -17.62 -4.03 17.84
N GLU B 60 -18.46 -4.56 18.75
CA GLU B 60 -19.93 -4.68 18.49
C GLU B 60 -20.60 -3.29 18.51
N GLU B 61 -19.91 -2.20 18.86
CA GLU B 61 -20.46 -0.83 18.64
C GLU B 61 -20.46 -0.53 17.14
N TYR B 62 -19.65 -1.25 16.37
CA TYR B 62 -19.39 -0.95 14.95
C TYR B 62 -19.96 -2.04 14.05
N LEU B 63 -19.74 -3.30 14.42
CA LEU B 63 -20.01 -4.49 13.55
C LEU B 63 -20.78 -5.53 14.35
N SER B 64 -21.55 -6.37 13.66
CA SER B 64 -22.09 -7.61 14.27
C SER B 64 -20.91 -8.50 14.69
N ALA B 65 -21.11 -9.35 15.69
CA ALA B 65 -20.11 -10.33 16.16
C ALA B 65 -19.67 -11.15 14.96
N LYS B 66 -20.61 -11.51 14.10
CA LYS B 66 -20.33 -12.41 12.95
C LYS B 66 -19.39 -11.73 11.94
N GLU B 67 -19.61 -10.46 11.61
N GLU B 67 -19.69 -10.46 11.61
CA GLU B 67 -18.72 -9.73 10.67
CA GLU B 67 -18.85 -9.55 10.76
C GLU B 67 -17.37 -9.48 11.35
C GLU B 67 -17.43 -9.49 11.36
N ALA B 68 -17.33 -9.18 12.65
CA ALA B 68 -16.08 -8.89 13.36
C ALA B 68 -15.20 -10.15 13.40
N ARG B 69 -15.79 -11.35 13.48
CA ARG B 69 -15.06 -12.65 13.51
C ARG B 69 -14.28 -12.87 12.22
N LYS B 70 -14.66 -12.18 11.14
CA LYS B 70 -14.06 -12.40 9.81
C LYS B 70 -12.77 -11.55 9.68
N LEU B 71 -12.53 -10.61 10.62
CA LEU B 71 -11.55 -9.51 10.39
C LEU B 71 -10.48 -9.50 11.50
N ASP B 72 -9.23 -9.36 11.08
CA ASP B 72 -8.10 -9.09 12.00
C ASP B 72 -8.40 -7.85 12.82
N LEU B 73 -7.86 -7.84 14.04
CA LEU B 73 -7.91 -6.65 14.92
C LEU B 73 -7.48 -5.39 14.15
N PHE B 74 -6.43 -5.40 13.29
CA PHE B 74 -6.00 -4.11 12.69
C PHE B 74 -7.13 -3.57 11.79
N ILE B 75 -7.93 -4.45 11.18
CA ILE B 75 -9.09 -4.02 10.33
C ILE B 75 -10.22 -3.52 11.23
N GLN B 76 -10.49 -4.21 12.32
CA GLN B 76 -11.50 -3.75 13.29
C GLN B 76 -11.14 -2.32 13.73
N TYR B 77 -9.87 -2.11 14.06
CA TYR B 77 -9.42 -0.81 14.60
C TYR B 77 -9.58 0.28 13.53
N GLY B 78 -9.19 -0.04 12.30
CA GLY B 78 -9.26 0.92 11.21
C GLY B 78 -10.70 1.27 10.91
N LEU B 79 -11.58 0.28 10.95
CA LEU B 79 -13.03 0.53 10.73
C LEU B 79 -13.58 1.40 11.85
N ALA B 80 -13.25 1.13 13.11
CA ALA B 80 -13.76 1.91 14.23
C ALA B 80 -13.35 3.39 14.04
N ALA B 81 -12.07 3.68 13.75
CA ALA B 81 -11.58 5.08 13.57
C ALA B 81 -12.31 5.71 12.37
N SER B 82 -12.52 4.95 11.30
CA SER B 82 -13.15 5.41 10.04
C SER B 82 -14.62 5.76 10.29
N PHE B 83 -15.36 4.86 10.94
CA PHE B 83 -16.78 5.10 11.32
C PHE B 83 -16.86 6.34 12.22
N GLN B 84 -15.98 6.46 13.20
CA GLN B 84 -15.95 7.65 14.09
C GLN B 84 -15.79 8.93 13.24
N ALA B 85 -14.82 8.94 12.34
CA ALA B 85 -14.44 10.13 11.55
C ALA B 85 -15.61 10.55 10.64
N VAL B 86 -16.24 9.59 9.98
CA VAL B 86 -17.40 9.90 9.10
C VAL B 86 -18.55 10.45 9.96
N ARG B 87 -18.90 9.81 11.08
CA ARG B 87 -19.89 10.34 12.05
C ARG B 87 -19.52 11.78 12.43
N ASP B 88 -18.26 12.02 12.82
CA ASP B 88 -17.78 13.32 13.34
C ASP B 88 -17.95 14.39 12.25
N SER B 89 -17.83 14.00 10.99
CA SER B 89 -17.89 14.94 9.83
C SER B 89 -19.33 15.42 9.54
N GLY B 90 -20.33 14.64 9.92
CA GLY B 90 -21.74 14.90 9.59
C GLY B 90 -22.05 14.62 8.12
N LEU B 91 -21.13 14.05 7.35
CA LEU B 91 -21.34 13.85 5.90
C LEU B 91 -22.52 12.91 5.65
N GLU B 92 -23.35 13.28 4.69
CA GLU B 92 -24.46 12.44 4.20
C GLU B 92 -24.04 11.91 2.82
N VAL B 93 -23.79 10.62 2.76
CA VAL B 93 -23.49 9.92 1.49
C VAL B 93 -24.81 9.74 0.73
N THR B 94 -24.83 10.12 -0.55
CA THR B 94 -26.03 10.01 -1.40
C THR B 94 -25.70 9.42 -2.76
N ASP B 95 -26.72 9.09 -3.51
CA ASP B 95 -26.55 8.67 -4.92
C ASP B 95 -25.85 9.80 -5.68
N ALA B 96 -26.05 11.07 -5.33
CA ALA B 96 -25.47 12.24 -6.03
C ALA B 96 -23.98 12.39 -5.73
N ASN B 97 -23.42 11.80 -4.66
CA ASN B 97 -22.01 12.10 -4.28
C ASN B 97 -21.21 10.83 -4.02
N ARG B 98 -21.79 9.64 -4.06
CA ARG B 98 -21.04 8.45 -3.58
C ARG B 98 -19.84 8.17 -4.50
N GLU B 99 -19.88 8.52 -5.78
CA GLU B 99 -18.71 8.27 -6.66
C GLU B 99 -17.60 9.28 -6.38
N ARG B 100 -17.87 10.30 -5.57
CA ARG B 100 -16.89 11.37 -5.24
C ARG B 100 -16.31 11.16 -3.83
N ILE B 101 -16.61 10.04 -3.18
CA ILE B 101 -16.15 9.76 -1.78
C ILE B 101 -15.37 8.47 -1.80
N GLY B 102 -14.11 8.53 -1.37
CA GLY B 102 -13.23 7.38 -1.44
C GLY B 102 -12.57 7.15 -0.14
N VAL B 103 -11.68 6.15 -0.11
N VAL B 103 -11.63 6.20 -0.10
CA VAL B 103 -11.01 5.65 1.13
CA VAL B 103 -11.01 5.76 1.16
C VAL B 103 -9.56 5.30 0.82
C VAL B 103 -9.60 5.22 0.90
N SER B 104 -8.66 5.68 1.73
CA SER B 104 -7.27 5.21 1.73
C SER B 104 -6.86 5.07 3.19
N MET B 105 -7.17 3.91 3.76
CA MET B 105 -6.76 3.51 5.11
C MET B 105 -5.68 2.44 4.94
N GLY B 106 -4.52 2.66 5.57
CA GLY B 106 -3.35 1.78 5.39
C GLY B 106 -2.99 1.04 6.66
N SER B 107 -1.96 0.24 6.53
CA SER B 107 -1.30 -0.47 7.66
C SER B 107 0.16 -0.73 7.28
N GLY B 108 1.05 -0.71 8.26
CA GLY B 108 2.48 -1.02 8.10
C GLY B 108 2.73 -2.51 8.00
N ILE B 109 2.06 -3.30 8.84
CA ILE B 109 2.41 -4.75 9.03
C ILE B 109 1.19 -5.65 8.79
N GLY B 110 -0.02 -5.10 8.91
CA GLY B 110 -1.27 -5.78 8.53
C GLY B 110 -1.57 -6.90 9.51
N GLY B 111 -2.01 -8.05 8.99
CA GLY B 111 -2.73 -9.06 9.78
C GLY B 111 -1.85 -10.09 10.51
N LEU B 112 -0.83 -9.65 11.24
CA LEU B 112 0.11 -10.58 11.94
C LEU B 112 -0.61 -11.49 12.93
N THR B 113 -1.56 -10.96 13.70
CA THR B 113 -2.30 -11.70 14.74
C THR B 113 -3.05 -12.86 14.06
N ASN B 114 -3.80 -12.54 13.00
N ASN B 114 -3.76 -12.56 12.97
CA ASN B 114 -4.56 -13.54 12.19
CA ASN B 114 -4.55 -13.59 12.25
C ASN B 114 -3.59 -14.56 11.59
C ASN B 114 -3.61 -14.56 11.54
N ILE B 115 -2.49 -14.09 11.00
CA ILE B 115 -1.48 -14.99 10.36
C ILE B 115 -0.95 -15.95 11.42
N GLU B 116 -0.68 -15.43 12.60
CA GLU B 116 -0.15 -16.20 13.75
C GLU B 116 -1.15 -17.27 14.13
N ASN B 117 -2.43 -16.90 14.28
CA ASN B 117 -3.49 -17.83 14.72
C ASN B 117 -3.72 -18.89 13.64
N ASN B 118 -3.68 -18.51 12.35
CA ASN B 118 -3.87 -19.48 11.25
C ASN B 118 -2.64 -20.37 11.10
N CYS B 119 -1.43 -19.84 11.33
CA CYS B 119 -0.18 -20.65 11.39
C CYS B 119 -0.31 -21.75 12.43
N ARG B 120 -0.82 -21.38 13.61
CA ARG B 120 -0.98 -22.30 14.76
C ARG B 120 -1.84 -23.47 14.30
N SER B 121 -3.02 -23.18 13.72
CA SER B 121 -3.93 -24.18 13.11
C SER B 121 -3.20 -25.00 12.05
N LEU B 122 -2.50 -24.35 11.13
CA LEU B 122 -1.84 -25.05 10.00
C LEU B 122 -0.81 -26.06 10.52
N PHE B 123 0.05 -25.64 11.44
CA PHE B 123 1.17 -26.46 11.95
C PHE B 123 0.64 -27.60 12.81
N GLU B 124 -0.37 -27.33 13.62
CA GLU B 124 -0.90 -28.31 14.62
C GLU B 124 -1.79 -29.36 13.93
N GLN B 125 -2.68 -28.93 13.03
N GLN B 125 -2.70 -28.96 13.05
CA GLN B 125 -3.82 -29.72 12.53
CA GLN B 125 -3.69 -29.92 12.47
C GLN B 125 -3.79 -29.87 11.00
C GLN B 125 -3.97 -29.67 10.99
N GLY B 126 -3.02 -29.05 10.26
CA GLY B 126 -2.97 -29.06 8.79
C GLY B 126 -3.85 -27.99 8.12
N PRO B 127 -3.72 -27.78 6.79
CA PRO B 127 -4.40 -26.66 6.13
C PRO B 127 -5.93 -26.65 6.16
N ARG B 128 -6.56 -27.76 6.52
CA ARG B 128 -8.04 -27.83 6.50
C ARG B 128 -8.57 -27.06 7.70
N ARG B 129 -7.71 -26.64 8.63
CA ARG B 129 -8.14 -25.79 9.79
C ARG B 129 -7.90 -24.30 9.50
N ILE B 130 -7.31 -23.93 8.36
CA ILE B 130 -7.15 -22.49 8.01
C ILE B 130 -8.55 -21.91 7.76
N SER B 131 -8.83 -20.73 8.30
CA SER B 131 -10.14 -20.03 8.17
C SER B 131 -10.40 -19.69 6.71
N PRO B 132 -11.66 -19.92 6.22
CA PRO B 132 -12.06 -19.46 4.91
C PRO B 132 -11.93 -17.93 4.74
N PHE B 133 -11.93 -17.19 5.85
CA PHE B 133 -11.86 -15.71 5.77
C PHE B 133 -10.43 -15.25 5.99
N PHE B 134 -9.48 -16.18 6.06
CA PHE B 134 -8.08 -15.83 6.31
C PHE B 134 -7.59 -14.72 5.36
N VAL B 135 -7.72 -14.89 4.05
CA VAL B 135 -7.18 -13.91 3.07
C VAL B 135 -7.93 -12.57 3.17
N PRO B 136 -9.27 -12.50 2.97
CA PRO B 136 -9.95 -11.21 2.97
C PRO B 136 -9.97 -10.59 4.37
N GLY B 137 -9.85 -11.42 5.41
CA GLY B 137 -9.83 -10.94 6.81
C GLY B 137 -8.45 -10.50 7.25
N SER B 138 -7.42 -10.58 6.41
CA SER B 138 -6.04 -10.29 6.85
C SER B 138 -5.36 -9.24 5.98
N ILE B 139 -5.86 -8.98 4.78
CA ILE B 139 -5.13 -8.15 3.76
C ILE B 139 -5.38 -6.69 4.09
N ILE B 140 -4.37 -5.89 3.86
CA ILE B 140 -4.31 -4.49 4.38
C ILE B 140 -5.41 -3.63 3.75
N ASN B 141 -5.84 -3.93 2.52
CA ASN B 141 -6.83 -3.05 1.85
C ASN B 141 -8.25 -3.35 2.33
N MET B 142 -8.45 -4.20 3.35
CA MET B 142 -9.84 -4.53 3.75
C MET B 142 -10.43 -3.46 4.67
N VAL B 143 -9.68 -2.51 5.24
CA VAL B 143 -10.32 -1.38 5.95
C VAL B 143 -11.00 -0.51 4.89
N SER B 144 -10.27 -0.15 3.83
CA SER B 144 -10.82 0.60 2.69
C SER B 144 -12.00 -0.21 2.09
N GLY B 145 -11.82 -1.51 1.87
CA GLY B 145 -12.83 -2.36 1.21
C GLY B 145 -14.07 -2.42 2.07
N PHE B 146 -13.94 -2.75 3.36
CA PHE B 146 -15.14 -2.96 4.21
C PHE B 146 -15.84 -1.61 4.40
N LEU B 147 -15.05 -0.53 4.53
CA LEU B 147 -15.66 0.79 4.80
C LEU B 147 -16.48 1.21 3.58
N SER B 148 -15.90 1.07 2.39
N SER B 148 -15.87 1.06 2.39
CA SER B 148 -16.58 1.44 1.13
CA SER B 148 -16.51 1.37 1.08
C SER B 148 -17.88 0.63 0.99
C SER B 148 -17.85 0.62 0.97
N ILE B 149 -17.84 -0.68 1.29
CA ILE B 149 -19.04 -1.56 1.14
C ILE B 149 -20.09 -1.12 2.16
N HIS B 150 -19.71 -0.88 3.41
CA HIS B 150 -20.67 -0.55 4.48
C HIS B 150 -21.34 0.81 4.19
N LEU B 151 -20.58 1.81 3.74
CA LEU B 151 -21.13 3.20 3.58
C LEU B 151 -21.50 3.44 2.13
N GLY B 152 -21.26 2.52 1.22
CA GLY B 152 -21.60 2.73 -0.21
C GLY B 152 -20.67 3.75 -0.89
N LEU B 153 -19.38 3.75 -0.57
CA LEU B 153 -18.41 4.71 -1.17
C LEU B 153 -17.84 4.15 -2.46
N GLN B 154 -17.95 4.92 -3.56
CA GLN B 154 -17.58 4.44 -4.92
C GLN B 154 -16.44 5.28 -5.50
N GLY B 155 -15.85 6.15 -4.71
CA GLY B 155 -14.67 6.93 -5.11
C GLY B 155 -13.41 6.05 -5.13
N PRO B 156 -12.22 6.68 -5.28
CA PRO B 156 -10.96 5.95 -5.22
C PRO B 156 -10.87 5.11 -3.95
N ASN B 157 -10.54 3.83 -4.12
N ASN B 157 -10.49 3.85 -4.11
CA ASN B 157 -10.47 2.84 -3.03
CA ASN B 157 -10.48 2.83 -3.04
C ASN B 157 -9.09 2.18 -3.11
C ASN B 157 -9.12 2.12 -3.06
N TYR B 158 -8.24 2.48 -2.14
CA TYR B 158 -6.88 1.92 -2.11
C TYR B 158 -6.38 1.93 -0.69
N ALA B 159 -5.18 1.40 -0.55
CA ALA B 159 -4.48 1.27 0.74
C ALA B 159 -2.99 1.43 0.48
N LEU B 160 -2.34 2.27 1.28
CA LEU B 160 -0.87 2.43 1.31
C LEU B 160 -0.31 1.47 2.35
N THR B 161 0.93 1.08 2.17
CA THR B 161 1.70 0.36 3.22
C THR B 161 3.13 0.84 3.08
N THR B 162 3.52 1.78 3.94
CA THR B 162 4.88 2.36 3.90
C THR B 162 5.44 2.30 5.31
N ALA B 163 5.32 1.12 5.90
CA ALA B 163 5.81 0.85 7.27
C ALA B 163 5.39 1.95 8.23
N GLN B 164 6.35 2.57 8.91
CA GLN B 164 6.04 3.55 9.98
C GLN B 164 5.59 4.90 9.38
N THR B 165 5.58 5.04 8.06
CA THR B 165 5.17 6.28 7.34
C THR B 165 3.74 6.15 6.82
N THR B 166 3.12 4.97 6.96
CA THR B 166 1.84 4.66 6.28
C THR B 166 0.78 5.75 6.52
N GLY B 167 0.48 6.06 7.77
CA GLY B 167 -0.62 6.98 8.09
C GLY B 167 -0.41 8.36 7.49
N THR B 168 0.82 8.85 7.52
CA THR B 168 1.17 10.19 6.94
C THR B 168 0.97 10.14 5.42
N HIS B 169 1.52 9.13 4.75
CA HIS B 169 1.37 9.01 3.27
C HIS B 169 -0.10 8.85 2.88
N SER B 170 -0.86 8.10 3.68
CA SER B 170 -2.27 7.78 3.34
C SER B 170 -3.04 9.10 3.29
N ILE B 171 -2.86 9.92 4.30
CA ILE B 171 -3.55 11.22 4.41
C ILE B 171 -3.06 12.14 3.28
N GLY B 172 -1.75 12.24 3.05
CA GLY B 172 -1.21 13.16 2.05
C GLY B 172 -1.70 12.82 0.67
N MET B 173 -1.68 11.54 0.30
N MET B 173 -1.69 11.54 0.31
CA MET B 173 -2.08 11.10 -1.06
CA MET B 173 -2.08 11.08 -1.05
C MET B 173 -3.59 11.24 -1.23
C MET B 173 -3.59 11.21 -1.23
N ALA B 174 -4.37 11.05 -0.16
CA ALA B 174 -5.85 11.29 -0.19
C ALA B 174 -6.10 12.79 -0.44
N ALA B 175 -5.27 13.64 0.15
CA ALA B 175 -5.35 15.11 -0.02
C ALA B 175 -5.07 15.46 -1.47
N ARG B 176 -4.08 14.81 -2.08
CA ARG B 176 -3.79 15.01 -3.52
C ARG B 176 -4.99 14.58 -4.36
N ASN B 177 -5.61 13.46 -4.03
CA ASN B 177 -6.82 13.02 -4.80
C ASN B 177 -7.82 14.18 -4.82
N ILE B 178 -8.08 14.78 -3.68
CA ILE B 178 -9.11 15.87 -3.61
C ILE B 178 -8.57 17.13 -4.30
N ALA B 179 -7.32 17.51 -4.03
CA ALA B 179 -6.72 18.74 -4.61
C ALA B 179 -6.82 18.73 -6.15
N TYR B 180 -6.58 17.59 -6.77
CA TYR B 180 -6.54 17.46 -8.26
C TYR B 180 -7.87 16.96 -8.83
N GLY B 181 -8.93 16.90 -8.02
CA GLY B 181 -10.32 16.75 -8.52
C GLY B 181 -10.72 15.30 -8.78
N GLU B 182 -9.98 14.32 -8.27
CA GLU B 182 -10.31 12.87 -8.46
C GLU B 182 -11.35 12.42 -7.41
N ALA B 183 -11.55 13.20 -6.34
CA ALA B 183 -12.57 12.97 -5.29
C ALA B 183 -12.94 14.29 -4.63
N ASP B 184 -14.11 14.36 -4.00
CA ASP B 184 -14.48 15.51 -3.16
C ASP B 184 -14.23 15.22 -1.69
N VAL B 185 -14.26 13.96 -1.28
CA VAL B 185 -14.09 13.56 0.15
C VAL B 185 -13.28 12.27 0.17
N MET B 186 -12.34 12.16 1.08
CA MET B 186 -11.61 10.90 1.30
C MET B 186 -11.59 10.63 2.80
N VAL B 187 -11.75 9.36 3.18
CA VAL B 187 -11.42 8.90 4.57
C VAL B 187 -10.00 8.33 4.52
N ALA B 188 -9.08 8.86 5.31
CA ALA B 188 -7.66 8.51 5.18
C ALA B 188 -7.02 8.34 6.56
N GLY B 189 -6.04 7.47 6.65
CA GLY B 189 -5.31 7.26 7.91
C GLY B 189 -4.73 5.88 7.93
N GLY B 190 -4.72 5.25 9.09
CA GLY B 190 -4.03 3.97 9.21
C GLY B 190 -4.41 3.24 10.47
N SER B 191 -4.09 1.96 10.52
CA SER B 191 -4.39 1.13 11.69
C SER B 191 -3.33 0.06 11.84
N GLU B 192 -3.13 -0.40 13.05
CA GLU B 192 -2.06 -1.38 13.33
C GLU B 192 -2.38 -2.13 14.62
N MET B 193 -2.11 -3.42 14.60
N MET B 193 -2.08 -3.43 14.59
CA MET B 193 -2.14 -4.32 15.79
CA MET B 193 -2.17 -4.36 15.74
C MET B 193 -1.09 -5.41 15.56
C MET B 193 -1.11 -5.44 15.57
N ALA B 194 0.14 -5.13 15.96
CA ALA B 194 1.29 -6.03 15.75
C ALA B 194 1.82 -6.49 17.12
N ALA B 195 1.04 -6.37 18.21
CA ALA B 195 1.37 -6.96 19.54
C ALA B 195 1.03 -8.45 19.50
N CYS B 196 1.75 -9.19 18.70
CA CYS B 196 1.68 -10.66 18.66
C CYS B 196 3.11 -11.11 18.87
N GLY B 197 3.31 -12.40 19.08
CA GLY B 197 4.65 -12.99 19.12
C GLY B 197 5.48 -12.44 17.98
N LEU B 198 4.91 -12.39 16.78
CA LEU B 198 5.64 -12.01 15.55
C LEU B 198 6.09 -10.55 15.64
N GLY B 199 5.25 -9.66 16.13
CA GLY B 199 5.55 -8.21 16.21
C GLY B 199 6.56 -7.94 17.29
N LEU B 200 6.27 -8.39 18.50
CA LEU B 200 7.18 -8.19 19.64
C LEU B 200 8.48 -8.97 19.41
N GLY B 201 8.36 -10.19 18.88
CA GLY B 201 9.51 -11.05 18.55
C GLY B 201 10.30 -10.51 17.37
N GLY B 202 9.64 -10.08 16.30
CA GLY B 202 10.30 -9.55 15.09
C GLY B 202 11.13 -8.31 15.40
N PHE B 203 10.52 -7.33 16.05
CA PHE B 203 11.21 -6.07 16.46
C PHE B 203 12.23 -6.35 17.57
N GLY B 204 11.95 -7.29 18.48
CA GLY B 204 12.84 -7.68 19.57
C GLY B 204 14.09 -8.35 19.03
N ALA B 205 13.97 -9.18 17.99
CA ALA B 205 15.09 -9.90 17.34
C ALA B 205 16.11 -8.90 16.77
N ALA B 206 15.64 -7.74 16.28
CA ALA B 206 16.44 -6.63 15.72
C ALA B 206 16.91 -5.68 16.84
N ARG B 207 16.59 -6.00 18.08
CA ARG B 207 16.91 -5.22 19.30
C ARG B 207 16.44 -3.78 19.10
N ALA B 208 15.29 -3.58 18.50
CA ALA B 208 14.77 -2.25 18.12
C ALA B 208 13.92 -1.67 19.26
N LEU B 209 13.44 -2.54 20.15
CA LEU B 209 12.45 -2.19 21.20
C LEU B 209 13.18 -1.79 22.48
N SER B 210 12.63 -0.83 23.21
CA SER B 210 12.94 -0.64 24.64
C SER B 210 12.71 -1.94 25.41
N THR B 211 13.64 -2.29 26.30
CA THR B 211 13.54 -3.46 27.20
C THR B 211 13.38 -3.00 28.65
N ARG B 212 12.92 -1.76 28.88
CA ARG B 212 12.71 -1.22 30.25
C ARG B 212 11.42 -1.80 30.87
N ASN B 213 11.39 -3.12 31.07
CA ASN B 213 10.22 -3.89 31.59
C ASN B 213 9.83 -3.43 32.98
N ASP B 214 10.78 -2.95 33.79
CA ASP B 214 10.56 -2.54 35.20
C ASP B 214 9.75 -1.24 35.24
N GLU B 215 9.82 -0.39 34.20
CA GLU B 215 9.12 0.93 34.22
C GLU B 215 8.52 1.23 32.86
N PRO B 216 7.46 0.50 32.44
CA PRO B 216 6.97 0.62 31.07
C PRO B 216 6.60 2.08 30.70
N THR B 217 6.09 2.86 31.66
CA THR B 217 5.59 4.23 31.36
C THR B 217 6.76 5.18 31.12
N ARG B 218 7.99 4.80 31.52
CA ARG B 218 9.19 5.65 31.33
C ARG B 218 9.99 5.13 30.14
N ALA B 219 9.55 4.07 29.45
CA ALA B 219 10.36 3.41 28.42
C ALA B 219 10.49 4.35 27.23
N SER B 220 9.38 4.97 26.80
CA SER B 220 9.36 5.84 25.60
C SER B 220 9.85 7.21 26.04
N ARG B 221 11.07 7.57 25.68
CA ARG B 221 11.68 8.81 26.23
C ARG B 221 12.45 9.49 25.10
N PRO B 222 11.73 10.04 24.08
CA PRO B 222 12.40 10.63 22.93
C PRO B 222 13.36 11.76 23.33
N TRP B 223 14.55 11.69 22.77
CA TRP B 223 15.68 12.65 22.91
C TRP B 223 16.33 12.56 24.29
N ASP B 224 15.88 11.63 25.14
CA ASP B 224 16.46 11.42 26.50
C ASP B 224 17.69 10.54 26.36
N ARG B 225 18.75 10.86 27.08
CA ARG B 225 20.06 10.18 26.90
C ARG B 225 19.99 8.70 27.30
N ASP B 226 18.96 8.29 28.04
CA ASP B 226 18.77 6.89 28.52
C ASP B 226 17.75 6.13 27.65
N ARG B 227 17.31 6.68 26.52
CA ARG B 227 16.39 5.96 25.60
C ARG B 227 17.10 4.72 25.05
N ASP B 228 16.33 3.66 24.78
CA ASP B 228 16.90 2.34 24.39
C ASP B 228 15.98 1.67 23.36
N GLY B 229 15.25 2.46 22.55
CA GLY B 229 14.46 1.92 21.43
C GLY B 229 12.97 2.24 21.59
N PHE B 230 12.18 1.90 20.58
CA PHE B 230 10.76 2.32 20.56
C PHE B 230 9.90 1.34 21.36
N VAL B 231 8.70 1.82 21.65
CA VAL B 231 7.65 1.06 22.37
C VAL B 231 6.57 0.73 21.34
N LEU B 232 6.21 -0.54 21.24
CA LEU B 232 5.23 -1.00 20.21
C LEU B 232 3.81 -0.73 20.71
N SER B 233 2.99 -0.13 19.86
CA SER B 233 1.63 0.30 20.27
C SER B 233 0.62 0.00 19.15
N ASP B 234 -0.63 -0.10 19.56
CA ASP B 234 -1.77 -0.52 18.73
C ASP B 234 -2.76 0.63 18.57
N GLY B 235 -3.54 0.62 17.48
CA GLY B 235 -4.70 1.51 17.36
C GLY B 235 -4.87 2.02 15.95
N SER B 236 -5.47 3.19 15.80
CA SER B 236 -5.92 3.66 14.48
C SER B 236 -6.21 5.13 14.53
N GLY B 237 -6.02 5.79 13.39
CA GLY B 237 -6.51 7.16 13.18
C GLY B 237 -7.13 7.27 11.81
N ALA B 238 -8.21 8.00 11.72
CA ALA B 238 -8.86 8.31 10.45
C ALA B 238 -9.26 9.77 10.42
N LEU B 239 -9.09 10.38 9.26
CA LEU B 239 -9.52 11.77 9.03
C LEU B 239 -10.49 11.78 7.86
N VAL B 240 -11.51 12.63 7.96
CA VAL B 240 -12.33 12.98 6.78
C VAL B 240 -11.69 14.23 6.18
N LEU B 241 -11.14 14.06 4.99
CA LEU B 241 -10.58 15.14 4.16
C LEU B 241 -11.67 15.54 3.18
N GLU B 242 -11.80 16.83 2.95
CA GLU B 242 -12.91 17.31 2.11
C GLU B 242 -12.48 18.55 1.34
N GLU B 243 -12.87 18.63 0.09
CA GLU B 243 -12.66 19.85 -0.69
C GLU B 243 -13.38 21.02 0.01
N LEU B 244 -12.72 22.17 0.08
CA LEU B 244 -13.21 23.32 0.87
C LEU B 244 -14.61 23.75 0.44
N GLU B 245 -14.86 24.04 -0.82
CA GLU B 245 -16.20 24.54 -1.24
C GLU B 245 -17.27 23.49 -0.90
N HIS B 246 -16.95 22.21 -1.02
CA HIS B 246 -17.87 21.12 -0.62
C HIS B 246 -18.18 21.22 0.88
N ALA B 247 -17.15 21.43 1.71
CA ALA B 247 -17.31 21.55 3.19
C ALA B 247 -18.19 22.78 3.49
N ARG B 248 -17.91 23.91 2.86
CA ARG B 248 -18.64 25.18 3.13
C ARG B 248 -20.09 25.05 2.69
N ALA B 249 -20.36 24.43 1.55
CA ALA B 249 -21.73 24.31 0.99
C ALA B 249 -22.65 23.56 1.97
N ARG B 250 -22.14 22.52 2.65
CA ARG B 250 -23.02 21.75 3.58
C ARG B 250 -22.89 22.26 5.02
N GLY B 251 -22.12 23.31 5.28
CA GLY B 251 -21.98 23.92 6.61
C GLY B 251 -21.16 23.04 7.55
N ALA B 252 -20.17 22.34 7.01
CA ALA B 252 -19.29 21.46 7.81
C ALA B 252 -18.52 22.26 8.88
N ARG B 253 -18.20 21.61 10.00
CA ARG B 253 -17.24 22.10 11.02
C ARG B 253 -15.85 21.77 10.47
N ILE B 254 -15.06 22.80 10.21
CA ILE B 254 -13.66 22.61 9.71
C ILE B 254 -12.68 22.72 10.87
N TYR B 255 -11.91 21.68 11.13
CA TYR B 255 -10.89 21.70 12.20
C TYR B 255 -9.65 22.50 11.76
N ALA B 256 -9.20 22.32 10.53
CA ALA B 256 -7.91 22.81 10.04
C ALA B 256 -7.85 22.58 8.54
N GLU B 257 -6.88 23.22 7.90
CA GLU B 257 -6.61 23.03 6.45
C GLU B 257 -5.34 22.23 6.28
N LEU B 258 -5.35 21.29 5.33
CA LEU B 258 -4.14 20.52 4.98
C LEU B 258 -3.52 21.23 3.76
N VAL B 259 -2.43 21.98 3.97
CA VAL B 259 -1.90 22.90 2.93
C VAL B 259 -0.67 22.30 2.22
N GLY B 260 0.04 21.35 2.85
CA GLY B 260 1.31 20.81 2.36
C GLY B 260 1.46 19.30 2.61
N PHE B 261 2.11 18.64 1.67
CA PHE B 261 2.50 17.22 1.79
C PHE B 261 3.84 17.02 1.11
N GLY B 262 4.76 16.42 1.86
CA GLY B 262 6.07 16.03 1.37
C GLY B 262 6.26 14.54 1.46
N MET B 263 6.99 14.04 0.48
CA MET B 263 7.48 12.66 0.40
C MET B 263 8.96 12.83 0.04
N SER B 264 9.78 11.93 0.49
CA SER B 264 11.16 11.80 0.02
C SER B 264 11.59 10.39 0.37
N GLY B 265 12.53 9.83 -0.37
CA GLY B 265 13.30 8.66 0.08
C GLY B 265 14.67 9.11 0.55
N ASP B 266 15.16 8.58 1.68
CA ASP B 266 16.55 8.70 2.20
C ASP B 266 17.52 8.07 1.17
N ALA B 267 17.11 6.95 0.55
CA ALA B 267 18.02 6.05 -0.20
C ALA B 267 19.28 5.75 0.63
N PHE B 268 19.15 5.59 1.95
CA PHE B 268 20.32 5.48 2.83
C PHE B 268 20.48 4.04 3.33
N HIS B 269 19.60 3.57 4.21
CA HIS B 269 19.70 2.22 4.85
C HIS B 269 18.31 1.64 5.01
N MET B 270 18.23 0.33 5.19
CA MET B 270 16.96 -0.44 5.25
C MET B 270 16.19 -0.03 6.51
N THR B 271 16.88 0.21 7.63
CA THR B 271 16.20 0.45 8.92
C THR B 271 16.72 1.70 9.63
N ALA B 272 17.94 2.15 9.33
CA ALA B 272 18.61 3.27 10.03
C ALA B 272 18.40 4.56 9.24
N PRO B 273 18.11 5.70 9.90
CA PRO B 273 18.09 6.98 9.21
C PRO B 273 19.50 7.56 9.09
N PRO B 274 19.81 8.39 8.08
CA PRO B 274 21.09 9.10 8.06
C PRO B 274 21.22 10.03 9.27
N GLU B 275 22.40 10.05 9.90
CA GLU B 275 22.64 10.76 11.18
C GLU B 275 22.34 12.26 11.04
N ASP B 276 22.55 12.84 9.84
CA ASP B 276 22.32 14.28 9.56
C ASP B 276 20.85 14.56 9.17
N GLY B 277 20.01 13.53 9.10
CA GLY B 277 18.56 13.67 8.81
C GLY B 277 18.32 14.27 7.44
N ALA B 278 19.20 14.04 6.48
CA ALA B 278 19.13 14.61 5.13
C ALA B 278 17.76 14.30 4.48
N GLY B 279 17.26 13.09 4.64
CA GLY B 279 15.99 12.68 4.00
C GLY B 279 14.80 13.38 4.62
N ALA B 280 14.74 13.44 5.93
CA ALA B 280 13.72 14.19 6.69
C ALA B 280 13.78 15.69 6.31
N ALA B 281 14.97 16.26 6.16
CA ALA B 281 15.11 17.69 5.77
C ALA B 281 14.52 17.91 4.38
N ARG B 282 14.86 17.06 3.41
CA ARG B 282 14.34 17.20 2.02
C ARG B 282 12.81 17.10 2.04
N CYS B 283 12.29 16.15 2.80
CA CYS B 283 10.85 15.88 2.92
C CYS B 283 10.15 17.10 3.54
N MET B 284 10.68 17.66 4.63
CA MET B 284 10.03 18.86 5.23
C MET B 284 10.07 20.04 4.25
N LYS B 285 11.21 20.29 3.59
CA LYS B 285 11.39 21.39 2.60
C LYS B 285 10.41 21.15 1.44
N ASN B 286 10.23 19.89 1.02
CA ASN B 286 9.25 19.55 -0.04
C ASN B 286 7.84 19.94 0.43
N ALA B 287 7.48 19.57 1.65
CA ALA B 287 6.13 19.86 2.21
C ALA B 287 5.91 21.38 2.32
N LEU B 288 6.91 22.11 2.79
CA LEU B 288 6.77 23.58 2.91
C LEU B 288 6.65 24.23 1.53
N ARG B 289 7.46 23.81 0.54
CA ARG B 289 7.36 24.34 -0.84
C ARG B 289 5.95 24.03 -1.34
N ASP B 290 5.46 22.81 -1.13
CA ASP B 290 4.11 22.40 -1.55
C ASP B 290 3.07 23.36 -0.97
N ALA B 291 3.25 23.80 0.27
CA ALA B 291 2.33 24.70 0.99
C ALA B 291 2.56 26.17 0.59
N GLY B 292 3.63 26.51 -0.14
CA GLY B 292 4.04 27.91 -0.36
C GLY B 292 4.42 28.62 0.94
N LEU B 293 4.97 27.91 1.92
CA LEU B 293 5.33 28.52 3.23
C LEU B 293 6.85 28.55 3.39
N ASP B 294 7.33 29.62 4.05
N ASP B 294 7.35 29.62 4.02
CA ASP B 294 8.73 29.78 4.50
CA ASP B 294 8.77 29.73 4.45
C ASP B 294 8.91 28.94 5.76
C ASP B 294 8.91 28.94 5.74
N PRO B 295 10.06 28.27 5.98
CA PRO B 295 10.29 27.57 7.25
C PRO B 295 9.97 28.40 8.49
N ARG B 296 10.15 29.73 8.41
CA ARG B 296 9.91 30.67 9.53
C ARG B 296 8.44 30.71 9.94
N GLN B 297 7.51 30.30 9.08
CA GLN B 297 6.06 30.28 9.44
C GLN B 297 5.68 29.08 10.32
N VAL B 298 6.54 28.06 10.48
CA VAL B 298 6.18 26.82 11.23
C VAL B 298 6.23 27.10 12.74
N ASP B 299 5.17 26.75 13.44
CA ASP B 299 5.08 26.99 14.90
C ASP B 299 5.26 25.70 15.69
N TYR B 300 4.79 24.55 15.17
CA TYR B 300 4.69 23.31 15.96
C TYR B 300 4.99 22.13 15.03
N ILE B 301 5.83 21.25 15.49
CA ILE B 301 6.16 19.98 14.80
C ILE B 301 5.82 18.82 15.72
N ASN B 302 4.96 17.96 15.25
CA ASN B 302 4.79 16.64 15.86
C ASN B 302 5.83 15.76 15.21
N ALA B 303 6.90 15.47 15.95
CA ALA B 303 8.09 14.73 15.51
C ALA B 303 7.69 13.28 15.23
N HIS B 304 8.47 12.54 14.47
CA HIS B 304 8.39 11.07 14.47
C HIS B 304 8.75 10.60 15.88
N GLY B 305 9.90 11.05 16.40
CA GLY B 305 10.27 10.97 17.83
C GLY B 305 10.04 9.59 18.47
N THR B 306 10.66 8.55 17.93
CA THR B 306 10.34 7.13 18.25
C THR B 306 11.07 6.63 19.52
N SER B 307 12.04 7.37 20.04
CA SER B 307 12.84 6.97 21.23
C SER B 307 13.96 6.01 20.85
N THR B 308 14.44 6.05 19.61
CA THR B 308 15.59 5.26 19.15
C THR B 308 16.80 6.18 19.17
N PRO B 309 17.99 5.63 19.47
CA PRO B 309 19.22 6.43 19.53
C PRO B 309 19.38 7.23 18.23
N ALA B 310 19.41 6.57 17.07
CA ALA B 310 19.75 7.20 15.76
C ALA B 310 18.60 8.11 15.28
N GLY B 311 17.36 7.64 15.31
CA GLY B 311 16.21 8.36 14.75
C GLY B 311 16.02 9.72 15.42
N ASP B 312 16.10 9.77 16.74
CA ASP B 312 15.73 11.01 17.48
C ASP B 312 16.75 12.10 17.19
N ILE B 313 18.03 11.71 17.18
CA ILE B 313 19.15 12.67 16.89
C ILE B 313 19.09 13.11 15.42
N ALA B 314 18.71 12.23 14.47
CA ALA B 314 18.55 12.58 13.05
C ALA B 314 17.51 13.68 12.88
N GLU B 315 16.42 13.60 13.65
N GLU B 315 16.42 13.59 13.64
CA GLU B 315 15.30 14.57 13.55
CA GLU B 315 15.30 14.57 13.57
C GLU B 315 15.74 15.95 14.07
C GLU B 315 15.76 15.94 14.06
N ILE B 316 16.52 16.00 15.14
CA ILE B 316 17.11 17.29 15.62
C ILE B 316 17.94 17.86 14.48
N ALA B 317 18.84 17.07 13.91
CA ALA B 317 19.71 17.54 12.80
C ALA B 317 18.88 18.07 11.64
N ALA B 318 17.83 17.35 11.21
CA ALA B 318 16.98 17.75 10.08
C ALA B 318 16.30 19.11 10.38
N VAL B 319 15.75 19.28 11.58
CA VAL B 319 15.02 20.52 11.99
C VAL B 319 16.02 21.69 12.02
N LYS B 320 17.19 21.52 12.63
CA LYS B 320 18.24 22.60 12.67
C LYS B 320 18.59 23.00 11.25
N SER B 321 18.70 22.02 10.35
CA SER B 321 19.08 22.20 8.92
C SER B 321 17.97 22.97 8.19
N VAL B 322 16.72 22.54 8.30
CA VAL B 322 15.59 23.20 7.58
C VAL B 322 15.29 24.59 8.18
N PHE B 323 15.30 24.76 9.49
CA PHE B 323 14.71 25.95 10.13
C PHE B 323 15.77 26.98 10.53
N GLY B 324 17.06 26.66 10.50
CA GLY B 324 18.13 27.63 10.75
C GLY B 324 17.83 28.42 12.03
N GLU B 325 17.74 29.75 11.93
CA GLU B 325 17.61 30.63 13.13
C GLU B 325 16.19 30.54 13.70
N HIS B 326 15.26 29.84 13.05
CA HIS B 326 13.90 29.61 13.58
C HIS B 326 13.77 28.27 14.33
N ALA B 327 14.82 27.44 14.34
CA ALA B 327 14.76 26.04 14.82
C ALA B 327 14.38 25.95 16.29
N HIS B 328 14.75 26.94 17.12
CA HIS B 328 14.44 26.99 18.56
C HIS B 328 13.11 27.68 18.83
N ALA B 329 12.56 28.40 17.86
CA ALA B 329 11.37 29.25 18.06
C ALA B 329 10.12 28.35 18.01
N LEU B 330 10.07 27.48 16.99
CA LEU B 330 9.05 26.40 16.95
C LEU B 330 9.20 25.52 18.19
N SER B 331 8.10 24.90 18.56
CA SER B 331 8.02 23.78 19.52
C SER B 331 7.96 22.47 18.75
N MET B 332 8.72 21.49 19.17
CA MET B 332 8.69 20.14 18.57
C MET B 332 8.52 19.12 19.68
N SER B 333 7.48 18.28 19.60
CA SER B 333 7.24 17.25 20.65
C SER B 333 6.96 15.90 20.01
N SER B 334 7.29 14.87 20.75
CA SER B 334 6.92 13.48 20.41
C SER B 334 5.79 13.03 21.33
N THR B 335 4.61 12.89 20.76
CA THR B 335 3.48 12.25 21.44
C THR B 335 3.76 10.75 21.61
N LYS B 336 4.74 10.16 20.93
CA LYS B 336 5.10 8.74 21.18
C LYS B 336 5.65 8.57 22.60
N SER B 337 6.06 9.68 23.27
CA SER B 337 6.46 9.64 24.69
C SER B 337 5.33 9.05 25.55
N MET B 338 4.08 9.24 25.14
CA MET B 338 2.84 8.80 25.83
C MET B 338 2.18 7.61 25.11
N THR B 339 2.09 7.64 23.78
CA THR B 339 1.27 6.65 23.02
C THR B 339 2.10 5.42 22.65
N GLY B 340 3.41 5.53 22.69
CA GLY B 340 4.31 4.61 21.99
C GLY B 340 4.12 4.77 20.49
N HIS B 341 4.70 3.84 19.75
CA HIS B 341 4.82 3.87 18.30
C HIS B 341 3.73 2.97 17.71
N LEU B 342 2.71 3.58 17.11
CA LEU B 342 1.59 2.82 16.44
C LEU B 342 1.98 2.41 15.01
N LEU B 343 3.27 2.46 14.65
CA LEU B 343 3.79 2.03 13.34
C LEU B 343 2.95 2.66 12.21
N GLY B 344 2.21 1.88 11.43
CA GLY B 344 1.44 2.46 10.31
C GLY B 344 0.35 3.43 10.74
N ALA B 345 -0.16 3.39 11.98
CA ALA B 345 -1.19 4.32 12.48
C ALA B 345 -0.52 5.52 13.13
N ALA B 346 0.80 5.48 13.38
CA ALA B 346 1.49 6.61 14.06
C ALA B 346 1.15 7.92 13.35
N GLY B 347 1.31 7.96 12.05
CA GLY B 347 1.10 9.21 11.29
C GLY B 347 -0.34 9.67 11.32
N ALA B 348 -1.30 8.72 11.39
CA ALA B 348 -2.74 9.04 11.44
C ALA B 348 -3.06 9.70 12.79
N VAL B 349 -2.71 9.08 13.90
CA VAL B 349 -3.08 9.64 15.23
C VAL B 349 -2.26 10.94 15.42
N GLU B 350 -1.04 11.05 14.88
CA GLU B 350 -0.23 12.27 15.11
C GLU B 350 -0.74 13.43 14.22
N ALA B 351 -1.26 13.16 13.03
CA ALA B 351 -1.97 14.19 12.23
C ALA B 351 -3.15 14.73 13.05
N ILE B 352 -3.91 13.86 13.71
CA ILE B 352 -5.04 14.29 14.56
C ILE B 352 -4.51 15.18 15.70
N PHE B 353 -3.41 14.78 16.35
CA PHE B 353 -2.86 15.56 17.48
C PHE B 353 -2.37 16.91 16.96
N SER B 354 -1.83 16.95 15.74
CA SER B 354 -1.34 18.20 15.09
C SER B 354 -2.51 19.15 14.82
N VAL B 355 -3.60 18.61 14.31
CA VAL B 355 -4.85 19.37 14.09
C VAL B 355 -5.38 19.89 15.43
N LEU B 356 -5.41 19.08 16.47
CA LEU B 356 -5.96 19.54 17.79
C LEU B 356 -5.01 20.56 18.43
N ALA B 357 -3.72 20.52 18.15
CA ALA B 357 -2.75 21.54 18.60
C ALA B 357 -3.15 22.88 18.02
N LEU B 358 -3.59 22.89 16.78
CA LEU B 358 -4.08 24.10 16.11
C LEU B 358 -5.40 24.55 16.74
N ARG B 359 -6.33 23.63 16.94
CA ARG B 359 -7.65 24.02 17.49
C ARG B 359 -7.44 24.64 18.87
N ASP B 360 -6.55 24.09 19.71
CA ASP B 360 -6.51 24.40 21.16
C ASP B 360 -5.32 25.30 21.51
N GLN B 361 -4.46 25.60 20.54
CA GLN B 361 -3.28 26.50 20.71
C GLN B 361 -2.41 25.97 21.86
N VAL B 362 -1.99 24.71 21.77
CA VAL B 362 -1.21 24.05 22.85
C VAL B 362 -0.30 23.02 22.18
N ALA B 363 0.98 23.05 22.52
CA ALA B 363 1.94 22.00 22.08
C ALA B 363 1.89 20.88 23.10
N PRO B 364 1.58 19.63 22.68
CA PRO B 364 1.67 18.47 23.55
C PRO B 364 3.08 18.27 24.09
N PRO B 365 3.22 17.67 25.29
CA PRO B 365 4.52 17.46 25.89
C PRO B 365 5.25 16.29 25.24
N THR B 366 6.56 16.33 25.33
CA THR B 366 7.40 15.11 25.30
C THR B 366 7.61 14.72 26.76
N ILE B 367 6.89 13.72 27.25
CA ILE B 367 7.12 13.24 28.65
C ILE B 367 8.43 12.43 28.68
N ASN B 368 8.99 12.23 29.88
CA ASN B 368 10.17 11.37 30.15
C ASN B 368 11.48 12.06 29.66
N LEU B 369 11.46 13.32 29.22
CA LEU B 369 12.64 14.03 28.67
C LEU B 369 13.37 14.62 29.86
N ASP B 370 13.97 13.74 30.67
CA ASP B 370 14.54 14.09 32.00
C ASP B 370 15.93 14.67 31.79
N ASN B 371 16.67 14.09 30.84
CA ASN B 371 18.09 14.42 30.50
C ASN B 371 18.26 14.48 28.99
N PRO B 372 17.91 15.62 28.35
CA PRO B 372 18.13 15.77 26.92
C PRO B 372 19.54 15.32 26.54
N ASP B 373 19.64 14.62 25.41
CA ASP B 373 20.95 14.07 24.94
C ASP B 373 21.77 15.21 24.32
N GLU B 374 23.03 14.92 24.02
CA GLU B 374 23.98 15.88 23.40
C GLU B 374 23.32 16.48 22.15
N GLY B 375 23.22 17.79 22.06
CA GLY B 375 22.72 18.47 20.85
C GLY B 375 21.20 18.55 20.81
N CYS B 376 20.51 17.95 21.79
CA CYS B 376 19.02 17.95 21.87
C CYS B 376 18.56 19.21 22.63
N ASP B 377 18.84 20.41 22.10
CA ASP B 377 18.63 21.66 22.87
C ASP B 377 17.54 22.52 22.24
N LEU B 378 16.67 21.92 21.41
CA LEU B 378 15.49 22.59 20.84
C LEU B 378 14.39 22.72 21.92
N ASP B 379 13.31 23.42 21.62
CA ASP B 379 12.13 23.44 22.52
C ASP B 379 11.36 22.14 22.26
N LEU B 380 11.65 21.10 23.03
CA LEU B 380 11.07 19.74 22.87
C LEU B 380 9.88 19.59 23.80
N VAL B 381 9.39 20.69 24.38
CA VAL B 381 8.18 20.68 25.26
C VAL B 381 8.31 19.59 26.33
N ALA B 382 9.44 19.55 27.03
CA ALA B 382 9.66 18.53 28.08
C ALA B 382 8.54 18.58 29.14
N HIS B 383 7.97 17.40 29.43
CA HIS B 383 7.22 17.04 30.66
C HIS B 383 5.78 17.53 30.63
N GLU B 384 5.53 18.77 30.22
CA GLU B 384 4.21 19.45 30.37
C GLU B 384 3.80 20.14 29.06
N ALA B 385 2.50 20.09 28.76
CA ALA B 385 1.86 20.79 27.61
C ALA B 385 2.19 22.29 27.69
N LYS B 386 2.34 22.93 26.55
CA LYS B 386 2.74 24.36 26.46
C LYS B 386 1.73 25.08 25.58
N PRO B 387 0.80 25.86 26.18
CA PRO B 387 -0.03 26.79 25.44
C PRO B 387 0.87 27.79 24.71
N ARG B 388 0.60 28.05 23.44
CA ARG B 388 1.44 28.92 22.59
C ARG B 388 0.66 29.23 21.33
N LYS B 389 1.12 30.23 20.59
CA LYS B 389 0.58 30.53 19.25
C LYS B 389 0.96 29.43 18.26
N ILE B 390 -0.01 28.85 17.58
CA ILE B 390 0.25 27.84 16.54
C ILE B 390 -0.65 28.16 15.36
N ASP B 391 -0.07 28.65 14.28
CA ASP B 391 -0.79 28.88 12.99
C ASP B 391 -0.51 27.72 12.03
N VAL B 392 0.71 27.18 12.09
CA VAL B 392 1.21 26.18 11.12
C VAL B 392 1.84 25.04 11.93
N ALA B 393 1.36 23.82 11.70
CA ALA B 393 1.81 22.60 12.40
C ALA B 393 2.25 21.57 11.37
N LEU B 394 3.40 20.96 11.61
CA LEU B 394 3.96 19.89 10.74
C LEU B 394 3.79 18.58 11.50
N SER B 395 3.54 17.50 10.77
CA SER B 395 3.61 16.12 11.31
C SER B 395 4.58 15.32 10.47
N ASN B 396 5.61 14.75 11.08
CA ASN B 396 6.69 14.02 10.37
C ASN B 396 6.59 12.51 10.69
N SER B 397 6.84 11.69 9.67
CA SER B 397 6.99 10.24 9.81
C SER B 397 8.21 9.82 8.99
N PHE B 398 9.02 8.93 9.53
CA PHE B 398 10.20 8.36 8.83
C PHE B 398 10.09 6.83 9.01
N GLY B 399 10.27 6.04 7.98
CA GLY B 399 10.10 4.58 8.17
C GLY B 399 11.18 3.77 7.51
N PHE B 400 11.11 2.46 7.73
CA PHE B 400 11.99 1.46 7.07
C PHE B 400 11.93 1.69 5.57
N GLY B 401 13.06 1.45 4.92
CA GLY B 401 13.24 1.68 3.48
C GLY B 401 13.56 3.14 3.20
N GLY B 402 13.81 3.91 4.25
CA GLY B 402 14.18 5.34 4.20
C GLY B 402 13.03 6.18 3.67
N THR B 403 11.79 5.76 3.94
CA THR B 403 10.60 6.44 3.40
C THR B 403 10.15 7.55 4.38
N ASN B 404 9.96 8.75 3.85
CA ASN B 404 9.66 9.96 4.67
C ASN B 404 8.32 10.53 4.24
N GLY B 405 7.62 11.08 5.21
CA GLY B 405 6.36 11.80 4.98
C GLY B 405 6.27 13.02 5.90
N THR B 406 5.81 14.13 5.36
CA THR B 406 5.50 15.35 6.15
C THR B 406 4.15 15.87 5.69
N LEU B 407 3.29 16.17 6.67
CA LEU B 407 2.02 16.88 6.43
C LEU B 407 2.14 18.28 7.07
N VAL B 408 1.65 19.29 6.39
CA VAL B 408 1.58 20.69 6.89
C VAL B 408 0.10 21.06 7.02
N PHE B 409 -0.31 21.41 8.24
CA PHE B 409 -1.66 21.86 8.59
C PHE B 409 -1.59 23.33 9.00
N ARG B 410 -2.63 24.07 8.66
CA ARG B 410 -2.76 25.52 8.92
C ARG B 410 -4.12 25.75 9.60
N ARG B 411 -4.16 26.64 10.59
CA ARG B 411 -5.42 27.16 11.16
C ARG B 411 -6.34 27.62 10.03
N PHE B 412 -7.64 27.35 10.15
CA PHE B 412 -8.69 27.78 9.19
C PHE B 412 -9.76 28.61 9.91
N ALA B 413 -10.01 29.85 9.50
CA ALA B 413 -11.17 30.68 9.94
C ALA B 413 -11.72 31.56 8.81
C4 Q49 C . -13.76 -15.89 -1.45
C5 Q49 C . -13.85 -15.75 -0.05
C6 Q49 C . -12.66 -15.68 0.67
C7 Q49 C . -11.42 -15.75 0.02
C8 Q49 C . -11.39 -15.91 -1.37
C10 Q49 C . -16.38 -15.16 -3.70
N Q49 C . -17.03 -15.98 -4.64
C Q49 C . -18.25 -15.59 -5.36
O Q49 C . -14.96 -15.96 -2.12
C1 Q49 C . -16.20 -17.11 -5.10
C2 Q49 C . -14.86 -17.00 -4.32
C3 Q49 C . -14.96 -15.68 -3.51
C9 Q49 C . -12.54 -15.97 -2.13
F Q49 C . -10.24 -16.06 -2.02
O1 Q49 C . -16.86 -14.21 -3.15
S DMS D . -1.49 10.06 -16.33
O DMS D . -2.16 10.77 -15.21
C1 DMS D . -2.76 9.13 -17.16
C2 DMS D . -1.25 11.24 -17.64
S DMS E . -20.87 2.16 -28.87
O DMS E . -20.32 1.40 -30.04
C1 DMS E . -19.49 2.97 -28.10
C2 DMS E . -21.67 3.59 -29.57
S DMS F . 13.76 -18.37 9.83
O DMS F . 13.78 -17.84 11.24
C1 DMS F . 14.03 -20.13 9.94
C2 DMS F . 15.32 -17.90 9.11
C4 Q49 G . 16.65 -2.78 12.75
C5 Q49 G . 16.92 -3.84 11.86
C6 Q49 G . 15.89 -4.72 11.54
C7 Q49 G . 14.60 -4.55 12.10
C8 Q49 G . 14.38 -3.50 13.01
C10 Q49 G . 18.62 0.18 13.11
N Q49 G . 18.96 1.04 14.17
C Q49 G . 19.25 2.47 13.98
O Q49 G . 17.72 -1.94 13.01
C1 Q49 G . 18.40 0.58 15.46
C2 Q49 G . 17.60 -0.72 15.13
C3 Q49 G . 17.45 -0.69 13.59
C9 Q49 G . 15.38 -2.59 13.34
F Q49 G . 13.19 -3.40 13.60
O1 Q49 G . 19.15 0.12 12.01
S DMS H . -20.88 1.83 12.89
O DMS H . -21.08 3.32 12.80
C1 DMS H . -22.41 1.26 13.64
C2 DMS H . -21.16 1.17 11.25
S DMS I . -29.23 7.78 -1.11
O DMS I . -29.24 9.04 -1.99
C1 DMS I . -29.72 8.30 0.51
C2 DMS I . -30.66 6.86 -1.62
S DMS J . -3.08 19.03 -1.08
O DMS J . -2.40 18.70 -2.38
C1 DMS J . -1.83 18.88 0.17
C2 DMS J . -3.20 20.80 -1.04
S DMS K . -10.14 -15.02 10.12
O DMS K . -8.78 -15.63 9.99
C1 DMS K . -11.05 -16.14 11.15
C2 DMS K . -10.03 -13.74 11.32
S DMS L . -17.70 9.71 17.78
O DMS L . -17.15 10.34 16.52
C1 DMS L . -16.32 9.40 18.85
C2 DMS L . -18.09 8.07 17.36
S DMS M . -10.39 -12.46 14.85
O DMS M . -9.80 -11.10 15.00
C1 DMS M . -11.84 -12.44 15.88
C2 DMS M . -9.40 -13.54 15.87
S DMS N . -24.11 8.35 6.21
O DMS N . -24.58 8.98 4.92
C1 DMS N . -25.32 7.11 6.63
C2 DMS N . -24.52 9.49 7.53
P PO4 O . -22.84 16.82 -3.06
O1 PO4 O . -23.26 18.30 -2.83
O2 PO4 O . -23.95 15.97 -3.58
O3 PO4 O . -22.32 16.22 -1.74
O4 PO4 O . -21.76 16.80 -4.16
#